data_8RW5
#
_entry.id   8RW5
#
_cell.length_a   1.00
_cell.length_b   1.00
_cell.length_c   1.00
_cell.angle_alpha   90.00
_cell.angle_beta   90.00
_cell.angle_gamma   90.00
#
_symmetry.space_group_name_H-M   'P 1'
#
_entity_poly.entity_id   1
_entity_poly.type   'polypeptide(L)'
_entity_poly.pdbx_seq_one_letter_code
;MSSSPCDQLQSFADGDLPPMEAQAFGQHLADCEKCQVELTRLLQLDQLGRGYIERHGPVDIPWHALPRNRWMAGGFALAS
MVAVAFILLGTLRPQAPRALPELWAQPQRTLEARVTYLAADRYRRPPQVMMGGAAARSGPNRSLALLSELEKRGDLHQLA
VAYLATGVPEPSSAKAILEGMRSDLRWQSADVLCDLGVAHYVASKPLDAARATEELREALRLFDTVLAMQPGHVQALWNR
SLVYRDLGLPLSAMKDLTEFEHRETDEGWRSEARDRRARLSSTLRRKERWLAADQTGADLINRGAQELARALTFVDVPLL
RRDFYHAVRARTSSTDVLALLPLAERLDASVGSGTVLADYVHQVAARDFSRRAPLAEQYARLISGRIPESEQDALLQRFL
TSDETDLALGALAHVMQRLPAYASELVRRTQHDEDPWFRVLGLQAQAMLERQQEHYKEALAPLEQALDICRRERLVYRCI
FIENDLSHVKSWLFRVNAAAQHARDGLALARPNQWDLEGVMLQALGNVARQAADVTLGRAYYGEALLMAEGDKWSTRNIH
QNLAHLAIWALELDEARASLDRAMDTGLPLTQHGVAALVDVARTRRSPRDALMVEQALAREPGNTPGQRAYAKFLHGRIL
VEVDPARGRMLLDEAIRQAEALPLDDVSAAHARAYSYTSLIFADADTGDFIAALARFGAELGFETPARCVLGLTADTERS
LLVARGAQGQLLSAYVPLRSSRFEAASMEGAVPPEMLAALQACTLVDVLARPPLQGRSGLLPPGIAWRYRTRAAAPPPPA
GPGTHLVVNEVRYSEERNEVPLQWLPRTAPGAEARFLRDLAATPTQVLEAISTATEIDLATHGKVDPDSNFAYLLLAPGA
DGRDTLFEDSIRASQLTGAPLVVLAACEGGRPNAALHRAGSLPSAFLAAGARAVLAATHPIPDLDSSAFFGAVRDRVLAG
ASLAVAVRDERLQWLSAGGDSEWVNAVLVFE
;
_entity_poly.pdbx_strand_id   B
#
# COMPACT_ATOMS: atom_id res chain seq x y z
N PRO A 97 13.45 -22.27 39.84
CA PRO A 97 12.17 -21.94 39.22
C PRO A 97 11.37 -23.18 38.87
N ARG A 98 10.62 -23.70 39.85
CA ARG A 98 9.87 -24.92 39.68
C ARG A 98 8.48 -24.65 39.10
N ALA A 99 7.81 -25.72 38.68
CA ALA A 99 6.46 -25.64 38.16
C ALA A 99 5.44 -25.84 39.27
N LEU A 100 4.24 -25.32 39.05
CA LEU A 100 3.16 -25.40 40.02
C LEU A 100 2.16 -26.46 39.60
N PRO A 101 1.98 -27.54 40.36
CA PRO A 101 0.97 -28.54 39.98
C PRO A 101 -0.45 -27.98 39.93
N GLU A 102 -0.78 -27.02 40.80
CA GLU A 102 -2.15 -26.53 40.85
C GLU A 102 -2.53 -25.75 39.59
N LEU A 103 -1.56 -25.08 38.96
CA LEU A 103 -1.88 -24.25 37.81
C LEU A 103 -2.21 -25.08 36.57
N TRP A 104 -1.61 -26.26 36.43
CA TRP A 104 -1.70 -27.04 35.20
C TRP A 104 -2.35 -28.41 35.41
N ALA A 105 -3.13 -28.58 36.47
CA ALA A 105 -3.73 -29.87 36.78
C ALA A 105 -5.05 -30.11 36.09
N GLN A 106 -5.61 -29.11 35.40
CA GLN A 106 -6.92 -29.25 34.79
C GLN A 106 -6.87 -30.33 33.70
N PRO A 107 -7.96 -31.09 33.53
CA PRO A 107 -8.01 -32.07 32.43
C PRO A 107 -8.26 -31.46 31.07
N GLN A 108 -8.71 -30.22 30.99
CA GLN A 108 -9.05 -29.57 29.73
C GLN A 108 -8.12 -28.39 29.50
N ARG A 109 -7.51 -28.34 28.32
CA ARG A 109 -6.69 -27.19 27.94
C ARG A 109 -7.58 -25.97 27.80
N THR A 110 -7.15 -24.86 28.40
CA THR A 110 -8.00 -23.66 28.41
C THR A 110 -8.01 -22.96 27.05
N LEU A 111 -6.86 -22.88 26.38
CA LEU A 111 -6.74 -22.13 25.15
C LEU A 111 -6.34 -23.05 24.00
N GLU A 112 -6.75 -22.67 22.79
CA GLU A 112 -6.43 -23.48 21.61
C GLU A 112 -4.94 -23.43 21.31
N ALA A 113 -4.30 -22.30 21.55
CA ALA A 113 -2.90 -22.10 21.20
C ALA A 113 -2.01 -22.95 22.10
N ARG A 114 -0.70 -22.86 21.83
CA ARG A 114 0.31 -23.60 22.58
C ARG A 114 1.31 -22.63 23.17
N VAL A 115 1.48 -22.69 24.49
CA VAL A 115 2.53 -21.93 25.14
C VAL A 115 3.77 -22.78 25.24
N THR A 116 4.92 -22.13 25.39
CA THR A 116 6.21 -22.81 25.36
C THR A 116 6.65 -23.32 26.72
N TYR A 117 5.93 -23.00 27.79
CA TYR A 117 6.28 -23.51 29.11
C TYR A 117 6.03 -25.01 29.17
N LEU A 118 7.02 -25.76 29.68
CA LEU A 118 7.00 -27.21 29.55
C LEU A 118 5.81 -27.82 30.28
N ALA A 119 5.56 -27.38 31.51
CA ALA A 119 4.47 -27.96 32.28
C ALA A 119 3.11 -27.59 31.71
N ALA A 120 2.98 -26.38 31.17
CA ALA A 120 1.75 -25.97 30.51
C ALA A 120 1.66 -26.43 29.06
N ASP A 121 2.71 -27.04 28.53
CA ASP A 121 2.69 -27.62 27.19
C ASP A 121 2.79 -29.13 27.34
N ARG A 122 1.65 -29.74 27.58
CA ARG A 122 1.49 -31.19 27.55
C ARG A 122 0.06 -31.43 27.08
N TYR A 123 -0.17 -32.58 26.46
CA TYR A 123 -1.44 -32.76 25.76
C TYR A 123 -2.59 -32.79 26.76
N ARG A 124 -3.43 -31.77 26.70
CA ARG A 124 -4.71 -31.75 27.38
C ARG A 124 -5.79 -31.51 26.32
N ARG A 125 -6.93 -32.16 26.50
CA ARG A 125 -7.98 -32.12 25.48
C ARG A 125 -8.40 -30.67 25.22
N PRO A 126 -8.75 -30.34 23.97
CA PRO A 126 -8.94 -28.94 23.60
C PRO A 126 -10.13 -28.33 24.32
N PRO A 127 -10.15 -27.01 24.47
CA PRO A 127 -11.29 -26.36 25.10
C PRO A 127 -12.56 -26.48 24.27
N GLN A 128 -13.69 -26.35 24.95
CA GLN A 128 -14.98 -26.47 24.27
C GLN A 128 -15.25 -25.27 23.38
N ASN A 141 -8.85 -20.68 38.69
CA ASN A 141 -8.48 -19.28 38.82
C ASN A 141 -7.09 -19.10 39.40
N ARG A 142 -6.49 -17.94 39.14
CA ARG A 142 -5.17 -17.60 39.67
C ARG A 142 -5.31 -16.83 40.97
N SER A 143 -4.30 -16.97 41.83
CA SER A 143 -4.28 -16.30 43.12
C SER A 143 -3.27 -15.16 43.10
N LEU A 144 -3.69 -13.99 43.60
CA LEU A 144 -2.79 -12.84 43.69
C LEU A 144 -1.59 -13.12 44.56
N ALA A 145 -1.67 -14.14 45.43
CA ALA A 145 -0.52 -14.52 46.25
C ALA A 145 0.43 -15.45 45.52
N LEU A 146 -0.08 -16.46 44.82
CA LEU A 146 0.81 -17.43 44.17
C LEU A 146 1.24 -17.01 42.78
N LEU A 147 0.71 -15.91 42.24
CA LEU A 147 1.36 -15.27 41.11
C LEU A 147 2.47 -14.35 41.58
N SER A 148 2.25 -13.65 42.70
CA SER A 148 3.32 -12.87 43.32
C SER A 148 4.47 -13.76 43.74
N GLU A 149 4.18 -14.99 44.14
CA GLU A 149 5.26 -15.94 44.46
C GLU A 149 6.12 -16.23 43.24
N LEU A 150 5.50 -16.46 42.07
CA LEU A 150 6.27 -16.65 40.85
C LEU A 150 7.05 -15.40 40.50
N GLU A 151 6.44 -14.23 40.66
CA GLU A 151 7.10 -12.97 40.35
C GLU A 151 8.34 -12.76 41.22
N LYS A 152 8.23 -13.01 42.52
CA LYS A 152 9.35 -12.81 43.44
C LYS A 152 10.40 -13.91 43.31
N ARG A 153 9.99 -15.11 42.91
CA ARG A 153 10.93 -16.23 42.84
C ARG A 153 11.69 -16.27 41.51
N GLY A 154 11.42 -15.35 40.60
CA GLY A 154 12.17 -15.24 39.36
C GLY A 154 11.64 -16.05 38.22
N ASP A 155 10.48 -16.68 38.36
CA ASP A 155 9.91 -17.53 37.32
C ASP A 155 8.88 -16.75 36.51
N LEU A 156 9.36 -15.72 35.80
CA LEU A 156 8.46 -14.84 35.06
C LEU A 156 7.91 -15.51 33.81
N HIS A 157 8.61 -16.51 33.27
CA HIS A 157 8.06 -17.26 32.15
C HIS A 157 6.75 -17.95 32.54
N GLN A 158 6.76 -18.64 33.69
CA GLN A 158 5.53 -19.25 34.16
C GLN A 158 4.50 -18.22 34.55
N LEU A 159 4.93 -17.04 35.00
CA LEU A 159 3.97 -15.98 35.31
C LEU A 159 3.21 -15.55 34.06
N ALA A 160 3.93 -15.30 32.96
CA ALA A 160 3.27 -14.94 31.72
C ALA A 160 2.41 -16.08 31.19
N VAL A 161 2.94 -17.30 31.21
CA VAL A 161 2.21 -18.45 30.69
C VAL A 161 0.95 -18.71 31.52
N ALA A 162 0.98 -18.38 32.81
CA ALA A 162 -0.21 -18.51 33.65
C ALA A 162 -1.19 -17.39 33.38
N TYR A 163 -0.70 -16.18 33.10
CA TYR A 163 -1.60 -15.10 32.69
C TYR A 163 -2.32 -15.45 31.40
N LEU A 164 -1.71 -16.29 30.56
CA LEU A 164 -2.28 -16.60 29.26
C LEU A 164 -3.10 -17.89 29.22
N ALA A 165 -2.67 -18.94 29.92
CA ALA A 165 -3.14 -20.29 29.66
C ALA A 165 -3.97 -20.89 30.79
N THR A 166 -4.44 -20.09 31.73
CA THR A 166 -5.31 -20.62 32.78
C THR A 166 -6.22 -19.52 33.29
N GLY A 167 -7.41 -19.92 33.76
CA GLY A 167 -8.39 -18.96 34.21
C GLY A 167 -8.91 -18.11 33.05
N VAL A 168 -9.33 -16.90 33.38
CA VAL A 168 -9.71 -15.93 32.35
C VAL A 168 -8.43 -15.32 31.79
N PRO A 169 -8.18 -15.47 30.49
CA PRO A 169 -6.94 -14.92 29.93
C PRO A 169 -6.87 -13.41 30.07
N GLU A 170 -5.68 -12.92 30.40
CA GLU A 170 -5.41 -11.48 30.51
C GLU A 170 -4.16 -11.21 29.69
N PRO A 171 -4.32 -11.12 28.37
CA PRO A 171 -3.13 -11.01 27.50
C PRO A 171 -2.31 -9.76 27.72
N SER A 172 -2.87 -8.71 28.32
CA SER A 172 -2.10 -7.48 28.51
C SER A 172 -0.98 -7.66 29.52
N SER A 173 -1.29 -8.30 30.65
CA SER A 173 -0.27 -8.51 31.67
C SER A 173 0.84 -9.44 31.17
N ALA A 174 0.45 -10.54 30.51
CA ALA A 174 1.43 -11.43 29.93
C ALA A 174 2.25 -10.72 28.86
N LYS A 175 1.60 -9.85 28.08
CA LYS A 175 2.32 -9.08 27.09
C LYS A 175 3.39 -8.20 27.74
N ALA A 176 3.03 -7.51 28.82
CA ALA A 176 3.99 -6.66 29.51
C ALA A 176 5.16 -7.48 30.03
N ILE A 177 4.87 -8.62 30.65
CA ILE A 177 5.95 -9.46 31.18
C ILE A 177 6.84 -9.97 30.04
N LEU A 178 6.25 -10.28 28.89
CA LEU A 178 7.04 -10.85 27.80
C LEU A 178 7.90 -9.79 27.10
N GLU A 179 7.38 -8.56 26.96
CA GLU A 179 8.24 -7.48 26.47
C GLU A 179 9.36 -7.21 27.46
N GLY A 180 9.08 -7.29 28.76
CA GLY A 180 10.16 -7.18 29.73
C GLY A 180 11.20 -8.29 29.58
N MET A 181 10.75 -9.51 29.32
CA MET A 181 11.64 -10.65 29.19
C MET A 181 12.43 -10.65 27.89
N ARG A 182 11.94 -9.93 26.87
CA ARG A 182 12.61 -9.96 25.56
C ARG A 182 14.07 -9.52 25.65
N SER A 183 14.41 -8.66 26.61
CA SER A 183 15.77 -8.15 26.79
C SER A 183 16.52 -8.92 27.86
N ASP A 184 16.28 -10.22 27.99
CA ASP A 184 16.94 -11.06 28.96
C ASP A 184 17.47 -12.31 28.27
N LEU A 185 18.53 -12.88 28.83
CA LEU A 185 19.22 -14.01 28.22
C LEU A 185 19.01 -15.32 28.97
N ARG A 186 18.26 -15.34 30.07
CA ARG A 186 17.95 -16.59 30.73
C ARG A 186 16.82 -17.35 30.04
N TRP A 187 16.14 -16.73 29.08
CA TRP A 187 15.07 -17.37 28.33
C TRP A 187 15.45 -17.47 26.87
N GLN A 188 15.02 -18.54 26.22
CA GLN A 188 15.18 -18.68 24.78
C GLN A 188 14.40 -17.57 24.07
N SER A 189 15.03 -16.92 23.11
CA SER A 189 14.34 -15.85 22.38
C SER A 189 13.18 -16.39 21.57
N ALA A 190 13.33 -17.59 21.02
CA ALA A 190 12.25 -18.19 20.25
C ALA A 190 11.02 -18.45 21.13
N ASP A 191 11.24 -18.98 22.34
CA ASP A 191 10.11 -19.25 23.23
C ASP A 191 9.42 -17.96 23.65
N VAL A 192 10.19 -16.92 23.99
CA VAL A 192 9.59 -15.66 24.41
C VAL A 192 8.80 -15.04 23.26
N LEU A 193 9.35 -15.08 22.05
CA LEU A 193 8.63 -14.49 20.92
C LEU A 193 7.37 -15.30 20.59
N CYS A 194 7.43 -16.63 20.71
CA CYS A 194 6.25 -17.44 20.49
C CYS A 194 5.18 -17.13 21.52
N ASP A 195 5.57 -16.96 22.79
CA ASP A 195 4.59 -16.62 23.82
C ASP A 195 4.01 -15.24 23.61
N LEU A 196 4.82 -14.29 23.14
CA LEU A 196 4.30 -12.96 22.81
C LEU A 196 3.30 -13.03 21.67
N GLY A 197 3.59 -13.83 20.64
CA GLY A 197 2.64 -14.04 19.58
C GLY A 197 1.35 -14.67 20.07
N VAL A 198 1.46 -15.62 21.01
CA VAL A 198 0.28 -16.24 21.58
C VAL A 198 -0.54 -15.21 22.35
N ALA A 199 0.13 -14.31 23.08
CA ALA A 199 -0.57 -13.26 23.80
C ALA A 199 -1.31 -12.34 22.85
N HIS A 200 -0.66 -11.95 21.74
CA HIS A 200 -1.34 -11.13 20.74
C HIS A 200 -2.53 -11.87 20.13
N TYR A 201 -2.37 -13.16 19.84
CA TYR A 201 -3.46 -13.94 19.27
C TYR A 201 -4.65 -14.02 20.22
N VAL A 202 -4.38 -14.24 21.51
CA VAL A 202 -5.44 -14.29 22.49
C VAL A 202 -6.12 -12.93 22.62
N ALA A 203 -5.34 -11.85 22.57
CA ALA A 203 -5.92 -10.52 22.62
C ALA A 203 -6.77 -10.23 21.39
N SER A 204 -6.48 -10.89 20.26
CA SER A 204 -7.24 -10.64 19.04
C SER A 204 -8.68 -11.13 19.14
N LYS A 205 -8.93 -12.20 19.90
CA LYS A 205 -10.23 -12.86 19.86
C LYS A 205 -11.38 -11.97 20.32
N PRO A 206 -11.30 -11.27 21.47
CA PRO A 206 -12.46 -10.45 21.89
C PRO A 206 -12.75 -9.28 20.95
N LEU A 207 -11.76 -8.77 20.22
CA LEU A 207 -11.96 -7.57 19.42
C LEU A 207 -12.78 -7.85 18.17
N ASP A 208 -13.26 -6.78 17.56
CA ASP A 208 -13.94 -6.86 16.27
C ASP A 208 -12.91 -7.02 15.15
N ALA A 209 -13.42 -7.29 13.94
CA ALA A 209 -12.54 -7.68 12.83
C ALA A 209 -11.52 -6.59 12.52
N ALA A 210 -11.95 -5.33 12.51
CA ALA A 210 -11.05 -4.23 12.17
C ALA A 210 -9.90 -4.14 13.18
N ARG A 211 -10.20 -4.30 14.46
CA ARG A 211 -9.16 -4.27 15.49
C ARG A 211 -8.50 -5.62 15.70
N ALA A 212 -9.20 -6.72 15.41
CA ALA A 212 -8.58 -8.04 15.53
C ALA A 212 -7.53 -8.25 14.44
N THR A 213 -7.67 -7.56 13.31
CA THR A 213 -6.68 -7.71 12.24
C THR A 213 -5.30 -7.24 12.68
N GLU A 214 -5.25 -6.15 13.45
CA GLU A 214 -3.95 -5.65 13.91
C GLU A 214 -3.28 -6.64 14.86
N GLU A 215 -4.03 -7.20 15.80
CA GLU A 215 -3.46 -8.18 16.72
C GLU A 215 -3.04 -9.44 15.99
N LEU A 216 -3.84 -9.88 15.00
CA LEU A 216 -3.47 -11.04 14.21
C LEU A 216 -2.21 -10.77 13.40
N ARG A 217 -2.05 -9.55 12.89
CA ARG A 217 -0.83 -9.19 12.17
C ARG A 217 0.37 -9.23 13.09
N GLU A 218 0.25 -8.71 14.30
CA GLU A 218 1.37 -8.75 15.25
C GLU A 218 1.73 -10.20 15.61
N ALA A 219 0.72 -11.02 15.88
CA ALA A 219 0.97 -12.42 16.19
C ALA A 219 1.62 -13.14 15.01
N LEU A 220 1.14 -12.89 13.80
CA LEU A 220 1.71 -13.52 12.61
C LEU A 220 3.15 -13.09 12.41
N ARG A 221 3.46 -11.82 12.65
CA ARG A 221 4.83 -11.35 12.54
C ARG A 221 5.73 -12.04 13.54
N LEU A 222 5.27 -12.18 14.79
CA LEU A 222 6.08 -12.84 15.80
C LEU A 222 6.30 -14.32 15.47
N PHE A 223 5.25 -15.02 15.02
CA PHE A 223 5.41 -16.42 14.64
C PHE A 223 6.31 -16.59 13.43
N ASP A 224 6.22 -15.66 12.48
CA ASP A 224 7.12 -15.69 11.32
C ASP A 224 8.56 -15.50 11.75
N THR A 225 8.81 -14.58 12.69
CA THR A 225 10.16 -14.41 13.21
C THR A 225 10.66 -15.68 13.90
N VAL A 226 9.80 -16.30 14.71
CA VAL A 226 10.19 -17.51 15.42
C VAL A 226 10.56 -18.62 14.43
N LEU A 227 9.71 -18.81 13.41
CA LEU A 227 9.96 -19.87 12.45
C LEU A 227 11.09 -19.52 11.48
N ALA A 228 11.43 -18.25 11.35
CA ALA A 228 12.59 -17.87 10.56
C ALA A 228 13.88 -18.16 11.31
N MET A 229 13.92 -17.88 12.61
CA MET A 229 15.10 -18.18 13.42
C MET A 229 15.03 -19.56 14.06
N GLN A 230 13.96 -20.32 13.83
CA GLN A 230 13.84 -21.70 14.25
C GLN A 230 12.81 -22.40 13.37
N PRO A 231 13.23 -23.01 12.27
CA PRO A 231 12.26 -23.55 11.30
C PRO A 231 11.35 -24.64 11.86
N GLY A 232 11.77 -25.36 12.89
CA GLY A 232 10.98 -26.48 13.38
C GLY A 232 10.26 -26.23 14.69
N HIS A 233 9.97 -24.97 15.00
CA HIS A 233 9.28 -24.64 16.24
C HIS A 233 7.85 -25.16 16.16
N VAL A 234 7.58 -26.26 16.86
CA VAL A 234 6.27 -26.90 16.77
C VAL A 234 5.18 -26.00 17.32
N GLN A 235 5.45 -25.32 18.43
CA GLN A 235 4.47 -24.39 18.99
C GLN A 235 4.18 -23.26 18.02
N ALA A 236 5.22 -22.73 17.38
CA ALA A 236 5.02 -21.66 16.40
C ALA A 236 4.25 -22.14 15.20
N LEU A 237 4.49 -23.37 14.74
CA LEU A 237 3.73 -23.91 13.62
C LEU A 237 2.25 -24.03 13.98
N TRP A 238 1.97 -24.58 15.17
CA TRP A 238 0.59 -24.72 15.64
C TRP A 238 -0.10 -23.36 15.73
N ASN A 239 0.56 -22.39 16.35
CA ASN A 239 -0.05 -21.08 16.55
C ASN A 239 -0.19 -20.31 15.25
N ARG A 240 0.76 -20.47 14.32
CA ARG A 240 0.63 -19.82 13.02
C ARG A 240 -0.48 -20.44 12.19
N SER A 241 -0.69 -21.75 12.33
CA SER A 241 -1.86 -22.36 11.71
C SER A 241 -3.14 -21.77 12.26
N LEU A 242 -3.19 -21.58 13.59
CA LEU A 242 -4.37 -20.93 14.19
C LEU A 242 -4.56 -19.52 13.66
N VAL A 243 -3.48 -18.74 13.58
CA VAL A 243 -3.56 -17.36 13.11
C VAL A 243 -4.02 -17.31 11.66
N TYR A 244 -3.48 -18.18 10.82
CA TYR A 244 -3.91 -18.26 9.42
C TYR A 244 -5.38 -18.61 9.32
N ARG A 245 -5.83 -19.56 10.13
CA ARG A 245 -7.24 -19.92 10.13
C ARG A 245 -8.11 -18.74 10.53
N ASP A 246 -7.66 -17.95 11.51
CA ASP A 246 -8.42 -16.79 11.95
C ASP A 246 -8.43 -15.67 10.91
N LEU A 247 -7.47 -15.65 10.00
CA LEU A 247 -7.43 -14.65 8.93
C LEU A 247 -8.21 -15.07 7.70
N GLY A 248 -8.92 -16.19 7.76
CA GLY A 248 -9.62 -16.71 6.60
C GLY A 248 -8.70 -17.24 5.52
N LEU A 249 -7.63 -17.93 5.91
CA LEU A 249 -6.67 -18.52 4.98
C LEU A 249 -6.50 -20.00 5.33
N PRO A 250 -7.52 -20.82 5.03
CA PRO A 250 -7.45 -22.23 5.44
C PRO A 250 -6.32 -23.02 4.81
N LEU A 251 -5.94 -22.71 3.57
CA LEU A 251 -4.89 -23.50 2.91
C LEU A 251 -3.55 -23.32 3.60
N SER A 252 -3.22 -22.10 4.01
CA SER A 252 -1.98 -21.85 4.74
C SER A 252 -2.01 -22.57 6.09
N ALA A 253 -3.18 -22.60 6.74
CA ALA A 253 -3.31 -23.32 8.00
C ALA A 253 -3.07 -24.82 7.80
N MET A 254 -3.61 -25.39 6.72
CA MET A 254 -3.37 -26.80 6.44
C MET A 254 -1.91 -27.07 6.14
N LYS A 255 -1.25 -26.16 5.42
CA LYS A 255 0.18 -26.31 5.15
C LYS A 255 0.98 -26.30 6.45
N ASP A 256 0.64 -25.38 7.36
CA ASP A 256 1.33 -25.33 8.64
C ASP A 256 1.08 -26.58 9.47
N LEU A 257 -0.14 -27.11 9.43
CA LEU A 257 -0.44 -28.32 10.19
C LEU A 257 0.27 -29.54 9.61
N THR A 258 0.44 -29.58 8.29
CA THR A 258 1.22 -30.65 7.68
C THR A 258 2.68 -30.57 8.12
N GLU A 259 3.25 -29.37 8.09
CA GLU A 259 4.61 -29.23 8.61
C GLU A 259 4.69 -29.58 10.10
N PHE A 260 3.63 -29.28 10.85
CA PHE A 260 3.59 -29.61 12.27
C PHE A 260 3.65 -31.12 12.48
N GLU A 261 2.77 -31.87 11.81
CA GLU A 261 2.80 -33.32 11.96
C GLU A 261 4.11 -33.89 11.46
N HIS A 262 4.77 -33.21 10.53
CA HIS A 262 6.14 -33.59 10.18
C HIS A 262 7.08 -33.39 11.37
N ARG A 263 6.92 -32.29 12.10
CA ARG A 263 7.89 -31.89 13.12
C ARG A 263 7.51 -32.29 14.55
N GLU A 264 6.26 -32.61 14.82
CA GLU A 264 5.83 -32.94 16.17
C GLU A 264 6.12 -34.41 16.48
N THR A 265 6.47 -34.67 17.73
CA THR A 265 6.74 -36.03 18.19
C THR A 265 5.72 -36.56 19.18
N ASP A 266 5.05 -35.69 19.93
CA ASP A 266 4.04 -36.13 20.87
C ASP A 266 2.83 -36.69 20.13
N GLU A 267 2.27 -37.78 20.63
CA GLU A 267 1.20 -38.47 19.92
C GLU A 267 -0.10 -37.68 19.97
N GLY A 268 -0.45 -37.15 21.13
CA GLY A 268 -1.71 -36.43 21.25
C GLY A 268 -1.75 -35.16 20.43
N TRP A 269 -0.65 -34.41 20.43
CA TRP A 269 -0.59 -33.20 19.61
C TRP A 269 -0.68 -33.52 18.13
N ARG A 270 0.00 -34.58 17.69
CA ARG A 270 -0.10 -34.99 16.30
C ARG A 270 -1.52 -35.38 15.95
N SER A 271 -2.19 -36.12 16.84
CA SER A 271 -3.57 -36.52 16.58
C SER A 271 -4.50 -35.31 16.48
N GLU A 272 -4.34 -34.35 17.39
CA GLU A 272 -5.21 -33.17 17.35
C GLU A 272 -4.93 -32.30 16.14
N ALA A 273 -3.66 -32.20 15.73
CA ALA A 273 -3.34 -31.48 14.50
C ALA A 273 -3.94 -32.17 13.30
N ARG A 274 -3.93 -33.51 13.28
CA ARG A 274 -4.55 -34.25 12.18
C ARG A 274 -6.05 -33.99 12.14
N ASP A 275 -6.71 -33.97 13.30
CA ASP A 275 -8.14 -33.68 13.34
C ASP A 275 -8.44 -32.26 12.87
N ARG A 276 -7.62 -31.30 13.30
CA ARG A 276 -7.83 -29.91 12.88
C ARG A 276 -7.61 -29.74 11.39
N ARG A 277 -6.60 -30.41 10.84
CA ARG A 277 -6.36 -30.35 9.40
C ARG A 277 -7.49 -31.01 8.63
N ALA A 278 -8.01 -32.12 9.13
CA ALA A 278 -9.16 -32.76 8.48
C ALA A 278 -10.37 -31.83 8.49
N ARG A 279 -10.60 -31.12 9.60
CA ARG A 279 -11.68 -30.16 9.64
C ARG A 279 -11.46 -29.01 8.67
N LEU A 280 -10.22 -28.54 8.57
CA LEU A 280 -9.91 -27.44 7.65
C LEU A 280 -9.98 -27.85 6.19
N SER A 281 -9.83 -29.13 5.89
CA SER A 281 -9.84 -29.61 4.51
C SER A 281 -11.21 -29.55 3.84
N SER A 282 -12.24 -28.95 4.43
CA SER A 282 -13.53 -28.82 3.77
C SER A 282 -13.51 -27.76 2.67
N THR A 283 -12.46 -26.93 2.60
CA THR A 283 -12.36 -25.92 1.55
C THR A 283 -12.12 -26.57 0.19
N LEU A 284 -11.45 -27.72 0.18
CA LEU A 284 -11.25 -28.44 -1.07
C LEU A 284 -12.56 -28.92 -1.66
N ARG A 285 -13.59 -29.11 -0.83
CA ARG A 285 -14.91 -29.41 -1.35
C ARG A 285 -15.47 -28.24 -2.17
N ARG A 286 -15.29 -27.02 -1.68
CA ARG A 286 -15.69 -25.85 -2.44
C ARG A 286 -14.89 -25.75 -3.74
N LYS A 287 -13.59 -26.04 -3.66
CA LYS A 287 -12.76 -26.01 -4.86
C LYS A 287 -13.24 -27.00 -5.90
N GLU A 288 -13.57 -28.23 -5.48
CA GLU A 288 -14.02 -29.24 -6.42
C GLU A 288 -15.42 -28.92 -6.95
N ARG A 289 -16.28 -28.30 -6.14
CA ARG A 289 -17.57 -27.87 -6.66
C ARG A 289 -17.41 -26.79 -7.72
N TRP A 290 -16.49 -25.85 -7.49
CA TRP A 290 -16.22 -24.83 -8.51
C TRP A 290 -15.68 -25.46 -9.79
N LEU A 291 -14.79 -26.44 -9.65
CA LEU A 291 -14.25 -27.11 -10.84
C LEU A 291 -15.35 -27.83 -11.60
N ALA A 292 -16.26 -28.50 -10.89
CA ALA A 292 -17.38 -29.15 -11.54
C ALA A 292 -18.27 -28.13 -12.25
N ALA A 293 -18.52 -26.99 -11.60
CA ALA A 293 -19.33 -25.94 -12.24
C ALA A 293 -18.67 -25.40 -13.50
N ASP A 294 -17.36 -25.19 -13.45
CA ASP A 294 -16.64 -24.70 -14.63
C ASP A 294 -16.69 -25.70 -15.76
N GLN A 295 -16.48 -26.98 -15.46
CA GLN A 295 -16.55 -28.00 -16.50
C GLN A 295 -17.96 -28.11 -17.08
N THR A 296 -18.97 -27.99 -16.22
CA THR A 296 -20.35 -28.04 -16.70
C THR A 296 -20.66 -26.84 -17.60
N GLY A 297 -20.12 -25.67 -17.27
CA GLY A 297 -20.30 -24.52 -18.15
C GLY A 297 -19.60 -24.70 -19.48
N ALA A 298 -18.39 -25.24 -19.48
CA ALA A 298 -17.70 -25.51 -20.73
C ALA A 298 -18.47 -26.52 -21.58
N ASP A 299 -19.00 -27.57 -20.95
CA ASP A 299 -19.80 -28.55 -21.68
C ASP A 299 -21.11 -27.94 -22.17
N LEU A 300 -21.68 -27.01 -21.42
CA LEU A 300 -22.86 -26.29 -21.86
C LEU A 300 -22.57 -25.48 -23.12
N ILE A 301 -21.41 -24.82 -23.14
CA ILE A 301 -21.00 -24.08 -24.34
C ILE A 301 -20.82 -25.04 -25.50
N ASN A 302 -20.17 -26.18 -25.27
CA ASN A 302 -19.77 -27.07 -26.36
C ASN A 302 -20.89 -27.97 -26.84
N ARG A 303 -21.98 -28.13 -26.07
CA ARG A 303 -23.02 -29.07 -26.46
C ARG A 303 -24.44 -28.54 -26.33
N GLY A 304 -24.67 -27.43 -25.65
CA GLY A 304 -26.00 -26.83 -25.63
C GLY A 304 -26.85 -27.39 -24.51
N ALA A 305 -28.03 -27.87 -24.86
CA ALA A 305 -29.00 -28.36 -23.88
C ALA A 305 -28.77 -29.81 -23.48
N GLN A 306 -27.74 -30.47 -24.02
CA GLN A 306 -27.44 -31.82 -23.56
C GLN A 306 -26.96 -31.81 -22.11
N GLU A 307 -26.22 -30.78 -21.71
CA GLU A 307 -25.84 -30.58 -20.31
C GLU A 307 -26.77 -29.61 -19.59
N LEU A 308 -28.04 -29.56 -20.00
CA LEU A 308 -28.97 -28.66 -19.32
C LEU A 308 -29.37 -29.18 -17.96
N ALA A 309 -29.50 -30.51 -17.83
CA ALA A 309 -29.88 -31.09 -16.54
C ALA A 309 -28.81 -30.81 -15.48
N ARG A 310 -27.54 -30.92 -15.86
CA ARG A 310 -26.46 -30.66 -14.90
C ARG A 310 -26.27 -29.17 -14.66
N ALA A 311 -26.51 -28.33 -15.67
CA ALA A 311 -26.28 -26.90 -15.52
C ALA A 311 -27.25 -26.28 -14.53
N LEU A 312 -28.48 -26.78 -14.46
CA LEU A 312 -29.46 -26.23 -13.53
C LEU A 312 -29.09 -26.45 -12.08
N THR A 313 -28.17 -27.37 -11.79
CA THR A 313 -27.69 -27.58 -10.43
C THR A 313 -26.55 -26.62 -10.07
N PHE A 314 -26.09 -25.80 -11.01
CA PHE A 314 -25.02 -24.85 -10.78
C PHE A 314 -25.47 -23.41 -10.96
N VAL A 315 -26.77 -23.16 -10.88
CA VAL A 315 -27.29 -21.81 -11.14
C VAL A 315 -26.72 -20.82 -10.12
N ASP A 316 -26.57 -21.24 -8.87
CA ASP A 316 -26.03 -20.36 -7.85
C ASP A 316 -24.56 -20.03 -8.06
N VAL A 317 -23.87 -20.78 -8.90
CA VAL A 317 -22.47 -20.44 -9.22
C VAL A 317 -22.44 -19.23 -10.14
N PRO A 318 -21.70 -18.17 -9.80
CA PRO A 318 -21.78 -16.93 -10.60
C PRO A 318 -21.36 -17.10 -12.05
N LEU A 319 -20.44 -18.01 -12.36
CA LEU A 319 -19.93 -18.16 -13.72
C LEU A 319 -20.95 -18.74 -14.68
N LEU A 320 -22.05 -19.30 -14.19
CA LEU A 320 -23.01 -19.93 -15.08
C LEU A 320 -23.68 -18.92 -15.98
N ARG A 321 -23.80 -17.66 -15.55
CA ARG A 321 -24.40 -16.65 -16.42
C ARG A 321 -23.53 -16.35 -17.64
N ARG A 322 -22.24 -16.15 -17.43
CA ARG A 322 -21.36 -15.92 -18.57
C ARG A 322 -21.25 -17.16 -19.44
N ASP A 323 -21.25 -18.35 -18.83
CA ASP A 323 -21.19 -19.55 -19.65
C ASP A 323 -22.49 -19.75 -20.43
N PHE A 324 -23.61 -19.28 -19.89
CA PHE A 324 -24.86 -19.27 -20.65
C PHE A 324 -24.77 -18.29 -21.82
N TYR A 325 -24.16 -17.12 -21.59
CA TYR A 325 -23.96 -16.17 -22.68
C TYR A 325 -23.14 -16.79 -23.80
N HIS A 326 -22.06 -17.49 -23.45
CA HIS A 326 -21.24 -18.16 -24.44
C HIS A 326 -22.01 -19.29 -25.12
N ALA A 327 -22.83 -20.01 -24.35
CA ALA A 327 -23.55 -21.16 -24.90
C ALA A 327 -24.61 -20.74 -25.91
N VAL A 328 -25.31 -19.64 -25.64
CA VAL A 328 -26.36 -19.19 -26.55
C VAL A 328 -25.75 -18.72 -27.87
N ARG A 329 -24.58 -18.09 -27.82
CA ARG A 329 -23.96 -17.57 -29.02
C ARG A 329 -23.33 -18.67 -29.87
N ALA A 330 -23.10 -19.85 -29.31
CA ALA A 330 -22.44 -20.93 -30.02
C ALA A 330 -23.41 -21.90 -30.68
N ARG A 331 -24.72 -21.68 -30.57
CA ARG A 331 -25.70 -22.59 -31.13
C ARG A 331 -25.94 -22.24 -32.59
N THR A 332 -25.90 -23.25 -33.45
CA THR A 332 -26.04 -23.06 -34.90
C THR A 332 -27.48 -23.22 -35.38
N SER A 333 -28.43 -23.48 -34.48
CA SER A 333 -29.81 -23.72 -34.86
C SER A 333 -30.73 -22.94 -33.93
N SER A 334 -31.95 -22.69 -34.41
CA SER A 334 -32.95 -22.03 -33.58
C SER A 334 -33.49 -22.98 -32.52
N THR A 335 -33.59 -24.27 -32.86
CA THR A 335 -34.11 -25.25 -31.91
C THR A 335 -33.22 -25.32 -30.67
N ASP A 336 -31.91 -25.25 -30.85
CA ASP A 336 -31.00 -25.30 -29.72
C ASP A 336 -31.18 -24.09 -28.80
N VAL A 337 -31.36 -22.91 -29.39
CA VAL A 337 -31.56 -21.71 -28.58
C VAL A 337 -32.89 -21.80 -27.83
N LEU A 338 -33.92 -22.35 -28.47
CA LEU A 338 -35.16 -22.62 -27.75
C LEU A 338 -34.92 -23.59 -26.59
N ALA A 339 -34.12 -24.63 -26.83
CA ALA A 339 -33.88 -25.64 -25.81
C ALA A 339 -33.14 -25.06 -24.62
N LEU A 340 -32.34 -24.03 -24.83
CA LEU A 340 -31.63 -23.37 -23.73
C LEU A 340 -32.54 -22.48 -22.88
N LEU A 341 -33.80 -22.29 -23.27
CA LEU A 341 -34.67 -21.36 -22.55
C LEU A 341 -34.90 -21.71 -21.08
N PRO A 342 -35.12 -22.97 -20.68
CA PRO A 342 -35.30 -23.24 -19.24
C PRO A 342 -34.16 -22.73 -18.38
N LEU A 343 -32.92 -22.89 -18.84
CA LEU A 343 -31.78 -22.38 -18.06
C LEU A 343 -31.82 -20.87 -17.98
N ALA A 344 -32.22 -20.21 -19.07
CA ALA A 344 -32.33 -18.74 -19.04
C ALA A 344 -33.36 -18.30 -18.01
N GLU A 345 -34.52 -18.96 -17.99
CA GLU A 345 -35.57 -18.58 -17.04
C GLU A 345 -35.13 -18.84 -15.60
N ARG A 346 -34.48 -19.98 -15.35
CA ARG A 346 -34.08 -20.30 -13.99
C ARG A 346 -32.92 -19.44 -13.52
N LEU A 347 -32.08 -18.98 -14.45
CA LEU A 347 -31.04 -18.01 -14.09
C LEU A 347 -31.66 -16.64 -13.80
N ASP A 348 -32.68 -16.26 -14.57
CA ASP A 348 -33.36 -14.99 -14.33
C ASP A 348 -34.03 -14.98 -12.96
N ALA A 349 -34.70 -16.09 -12.60
CA ALA A 349 -35.42 -16.13 -11.33
C ALA A 349 -34.47 -16.04 -10.14
N SER A 350 -33.22 -16.48 -10.30
CA SER A 350 -32.28 -16.53 -9.19
C SER A 350 -31.67 -15.18 -8.85
N VAL A 351 -31.75 -14.21 -9.76
CA VAL A 351 -31.15 -12.90 -9.53
C VAL A 351 -32.19 -11.80 -9.30
N GLY A 352 -33.36 -11.89 -9.93
CA GLY A 352 -34.35 -10.85 -9.77
C GLY A 352 -35.69 -11.27 -10.32
N SER A 353 -36.60 -10.30 -10.38
CA SER A 353 -37.96 -10.58 -10.85
C SER A 353 -38.05 -10.49 -12.37
N GLY A 354 -37.50 -9.44 -12.96
CA GLY A 354 -37.58 -9.27 -14.39
C GLY A 354 -36.75 -10.30 -15.13
N THR A 355 -37.25 -10.69 -16.30
CA THR A 355 -36.57 -11.68 -17.14
C THR A 355 -35.84 -10.94 -18.26
N VAL A 356 -34.54 -11.18 -18.36
CA VAL A 356 -33.70 -10.60 -19.40
C VAL A 356 -33.01 -11.68 -20.23
N LEU A 357 -32.54 -12.74 -19.56
CA LEU A 357 -31.88 -13.83 -20.26
C LEU A 357 -32.86 -14.65 -21.09
N ALA A 358 -34.15 -14.61 -20.76
CA ALA A 358 -35.17 -15.28 -21.57
C ALA A 358 -35.61 -14.44 -22.76
N ASP A 359 -35.48 -13.12 -22.68
CA ASP A 359 -35.73 -12.28 -23.85
C ASP A 359 -34.57 -12.36 -24.84
N TYR A 360 -33.34 -12.47 -24.32
CA TYR A 360 -32.18 -12.67 -25.19
C TYR A 360 -32.28 -13.99 -25.95
N VAL A 361 -32.78 -15.03 -25.30
CA VAL A 361 -32.97 -16.32 -25.96
C VAL A 361 -33.98 -16.18 -27.10
N HIS A 362 -35.10 -15.51 -26.84
CA HIS A 362 -36.09 -15.31 -27.90
C HIS A 362 -35.55 -14.44 -29.02
N GLN A 363 -34.68 -13.49 -28.69
CA GLN A 363 -34.08 -12.63 -29.72
C GLN A 363 -33.17 -13.44 -30.63
N VAL A 364 -32.27 -14.24 -30.05
CA VAL A 364 -31.39 -15.06 -30.88
C VAL A 364 -32.15 -16.21 -31.54
N ALA A 365 -33.33 -16.54 -31.03
CA ALA A 365 -34.16 -17.61 -31.58
C ALA A 365 -35.14 -17.10 -32.64
N ALA A 366 -34.84 -15.98 -33.28
CA ALA A 366 -35.59 -15.53 -34.45
C ALA A 366 -34.71 -15.11 -35.60
N ARG A 367 -33.42 -14.84 -35.37
CA ARG A 367 -32.52 -14.40 -36.42
C ARG A 367 -32.35 -15.48 -37.48
N ASP A 368 -32.22 -15.04 -38.74
CA ASP A 368 -32.04 -15.97 -39.85
C ASP A 368 -30.72 -16.71 -39.69
N PHE A 369 -30.79 -17.99 -39.32
CA PHE A 369 -29.58 -18.75 -39.04
C PHE A 369 -28.85 -19.19 -40.30
N SER A 370 -29.42 -18.95 -41.48
CA SER A 370 -28.69 -19.19 -42.72
C SER A 370 -27.43 -18.35 -42.79
N ARG A 371 -27.39 -17.21 -42.09
CA ARG A 371 -26.20 -16.38 -42.01
C ARG A 371 -25.51 -16.48 -40.66
N ARG A 372 -26.22 -16.86 -39.60
CA ARG A 372 -25.62 -16.95 -38.27
C ARG A 372 -24.88 -18.26 -38.06
N ALA A 373 -25.32 -19.34 -38.72
CA ALA A 373 -24.69 -20.65 -38.50
C ALA A 373 -23.22 -20.67 -38.86
N PRO A 374 -22.76 -20.13 -40.00
CA PRO A 374 -21.31 -20.10 -40.24
C PRO A 374 -20.56 -19.28 -39.21
N LEU A 375 -21.21 -18.28 -38.60
CA LEU A 375 -20.55 -17.41 -37.64
C LEU A 375 -20.64 -17.91 -36.21
N ALA A 376 -21.69 -18.65 -35.86
CA ALA A 376 -21.81 -19.21 -34.52
C ALA A 376 -20.67 -20.21 -34.25
N GLU A 377 -20.36 -21.07 -35.22
CA GLU A 377 -19.26 -22.00 -35.06
C GLU A 377 -17.92 -21.28 -35.00
N GLN A 378 -17.76 -20.22 -35.79
CA GLN A 378 -16.55 -19.42 -35.72
C GLN A 378 -16.38 -18.80 -34.34
N TYR A 379 -17.47 -18.28 -33.77
CA TYR A 379 -17.42 -17.74 -32.42
C TYR A 379 -17.07 -18.82 -31.41
N ALA A 380 -17.63 -20.01 -31.57
CA ALA A 380 -17.31 -21.10 -30.64
C ALA A 380 -15.83 -21.44 -30.69
N ARG A 381 -15.26 -21.53 -31.90
CA ARG A 381 -13.85 -21.84 -32.01
C ARG A 381 -12.97 -20.70 -31.50
N LEU A 382 -13.41 -19.45 -31.66
CA LEU A 382 -12.69 -18.32 -31.09
C LEU A 382 -12.68 -18.37 -29.57
N ILE A 383 -13.83 -18.67 -28.97
CA ILE A 383 -13.92 -18.77 -27.52
C ILE A 383 -13.06 -19.91 -27.01
N SER A 384 -13.10 -21.06 -27.69
CA SER A 384 -12.32 -22.22 -27.26
C SER A 384 -10.82 -22.02 -27.43
N GLY A 385 -10.39 -20.98 -28.12
CA GLY A 385 -8.97 -20.71 -28.30
C GLY A 385 -8.34 -21.40 -29.49
N ARG A 386 -9.13 -22.01 -30.37
CA ARG A 386 -8.56 -22.68 -31.53
C ARG A 386 -8.09 -21.69 -32.60
N ILE A 387 -8.55 -20.45 -32.56
CA ILE A 387 -8.17 -19.47 -33.58
C ILE A 387 -6.77 -18.94 -33.24
N PRO A 388 -5.83 -18.98 -34.19
CA PRO A 388 -4.51 -18.37 -33.95
C PRO A 388 -4.62 -16.86 -33.89
N GLU A 389 -3.61 -16.25 -33.27
CA GLU A 389 -3.64 -14.81 -33.03
C GLU A 389 -3.72 -14.03 -34.34
N SER A 390 -2.97 -14.45 -35.35
CA SER A 390 -3.04 -13.79 -36.65
C SER A 390 -4.43 -13.93 -37.26
N GLU A 391 -5.05 -15.10 -37.11
CA GLU A 391 -6.37 -15.34 -37.67
C GLU A 391 -7.47 -14.60 -36.93
N GLN A 392 -7.21 -14.14 -35.70
CA GLN A 392 -8.28 -13.58 -34.87
C GLN A 392 -8.82 -12.28 -35.44
N ASP A 393 -7.96 -11.45 -36.03
CA ASP A 393 -8.40 -10.13 -36.47
C ASP A 393 -9.39 -10.21 -37.62
N ALA A 394 -9.17 -11.11 -38.58
CA ALA A 394 -10.09 -11.26 -39.70
C ALA A 394 -11.46 -11.76 -39.22
N LEU A 395 -11.45 -12.74 -38.30
CA LEU A 395 -12.70 -13.20 -37.72
C LEU A 395 -13.42 -12.09 -36.97
N LEU A 396 -12.66 -11.26 -36.26
CA LEU A 396 -13.24 -10.13 -35.55
C LEU A 396 -13.89 -9.16 -36.52
N GLN A 397 -13.21 -8.85 -37.62
CA GLN A 397 -13.78 -7.93 -38.60
C GLN A 397 -15.01 -8.52 -39.25
N ARG A 398 -15.04 -9.83 -39.46
CA ARG A 398 -16.25 -10.47 -39.96
C ARG A 398 -17.38 -10.37 -38.95
N PHE A 399 -17.08 -10.51 -37.66
CA PHE A 399 -18.10 -10.35 -36.63
C PHE A 399 -18.66 -8.94 -36.62
N LEU A 400 -17.80 -7.93 -36.74
CA LEU A 400 -18.23 -6.55 -36.56
C LEU A 400 -19.03 -6.02 -37.75
N THR A 401 -18.96 -6.68 -38.91
CA THR A 401 -19.64 -6.22 -40.11
C THR A 401 -20.97 -6.92 -40.36
N SER A 402 -21.46 -7.68 -39.39
CA SER A 402 -22.70 -8.43 -39.52
C SER A 402 -23.81 -7.79 -38.71
N ASP A 403 -25.01 -8.35 -38.84
CA ASP A 403 -26.15 -7.91 -38.04
C ASP A 403 -26.22 -8.59 -36.68
N GLU A 404 -25.37 -9.58 -36.43
CA GLU A 404 -25.36 -10.32 -35.17
C GLU A 404 -24.45 -9.59 -34.19
N THR A 405 -25.05 -8.77 -33.33
CA THR A 405 -24.27 -7.92 -32.44
C THR A 405 -23.82 -8.65 -31.18
N ASP A 406 -24.54 -9.71 -30.78
CA ASP A 406 -24.13 -10.47 -29.60
C ASP A 406 -22.79 -11.16 -29.82
N LEU A 407 -22.59 -11.73 -31.01
CA LEU A 407 -21.30 -12.33 -31.32
C LEU A 407 -20.20 -11.28 -31.31
N ALA A 408 -20.51 -10.08 -31.81
CA ALA A 408 -19.53 -8.99 -31.78
C ALA A 408 -19.15 -8.64 -30.35
N LEU A 409 -20.14 -8.53 -29.46
CA LEU A 409 -19.84 -8.23 -28.07
C LEU A 409 -18.99 -9.33 -27.44
N GLY A 410 -19.34 -10.59 -27.70
CA GLY A 410 -18.58 -11.68 -27.10
C GLY A 410 -17.15 -11.71 -27.58
N ALA A 411 -16.94 -11.57 -28.89
CA ALA A 411 -15.61 -11.59 -29.44
C ALA A 411 -14.79 -10.38 -28.99
N LEU A 412 -15.41 -9.20 -28.93
CA LEU A 412 -14.70 -8.01 -28.47
C LEU A 412 -14.27 -8.16 -27.02
N ALA A 413 -15.15 -8.72 -26.17
CA ALA A 413 -14.75 -8.97 -24.79
C ALA A 413 -13.66 -10.03 -24.71
N HIS A 414 -13.67 -10.99 -25.63
CA HIS A 414 -12.65 -12.04 -25.61
C HIS A 414 -11.29 -11.53 -26.07
N VAL A 415 -11.26 -10.50 -26.90
CA VAL A 415 -10.02 -10.09 -27.58
C VAL A 415 -9.37 -8.90 -26.89
N MET A 416 -10.15 -8.10 -26.16
CA MET A 416 -9.65 -6.81 -25.69
C MET A 416 -8.53 -6.92 -24.67
N GLN A 417 -8.34 -8.10 -24.08
CA GLN A 417 -7.24 -8.27 -23.13
C GLN A 417 -5.89 -8.13 -23.81
N ARG A 418 -5.74 -8.72 -25.01
CA ARG A 418 -4.49 -8.59 -25.74
C ARG A 418 -4.44 -7.32 -26.57
N LEU A 419 -5.57 -6.93 -27.17
CA LEU A 419 -5.64 -5.78 -28.07
C LEU A 419 -6.56 -4.74 -27.44
N PRO A 420 -6.01 -3.78 -26.69
CA PRO A 420 -6.86 -2.75 -26.06
C PRO A 420 -7.46 -1.75 -27.04
N ALA A 421 -7.16 -1.86 -28.34
CA ALA A 421 -7.79 -0.99 -29.32
C ALA A 421 -9.25 -1.37 -29.59
N TYR A 422 -9.65 -2.58 -29.23
CA TYR A 422 -11.02 -3.03 -29.38
C TYR A 422 -11.88 -2.73 -28.16
N ALA A 423 -11.27 -2.30 -27.05
CA ALA A 423 -12.04 -1.87 -25.90
C ALA A 423 -12.87 -0.64 -26.22
N SER A 424 -12.36 0.24 -27.09
CA SER A 424 -13.14 1.40 -27.50
C SER A 424 -14.39 0.98 -28.26
N GLU A 425 -14.25 0.01 -29.17
CA GLU A 425 -15.41 -0.50 -29.89
C GLU A 425 -16.40 -1.15 -28.95
N LEU A 426 -15.90 -1.94 -27.98
CA LEU A 426 -16.79 -2.55 -27.01
C LEU A 426 -17.54 -1.48 -26.20
N VAL A 427 -16.83 -0.45 -25.76
CA VAL A 427 -17.45 0.62 -25.00
C VAL A 427 -18.53 1.30 -25.82
N ARG A 428 -18.25 1.58 -27.09
CA ARG A 428 -19.24 2.21 -27.95
C ARG A 428 -20.47 1.33 -28.13
N ARG A 429 -20.26 0.01 -28.26
CA ARG A 429 -21.35 -0.89 -28.62
C ARG A 429 -22.18 -1.37 -27.43
N THR A 430 -21.90 -0.90 -26.22
CA THR A 430 -22.74 -1.27 -25.09
C THR A 430 -23.00 -0.08 -24.17
N GLN A 431 -23.09 1.13 -24.72
CA GLN A 431 -23.38 2.30 -23.92
C GLN A 431 -24.79 2.23 -23.33
N HIS A 432 -25.76 1.78 -24.11
CA HIS A 432 -27.16 1.72 -23.71
C HIS A 432 -27.73 0.33 -23.88
N ASP A 433 -26.99 -0.67 -23.41
CA ASP A 433 -27.41 -2.06 -23.58
C ASP A 433 -28.51 -2.41 -22.59
N GLU A 434 -29.53 -3.11 -23.07
CA GLU A 434 -30.66 -3.51 -22.23
C GLU A 434 -30.26 -4.52 -21.17
N ASP A 435 -29.12 -5.19 -21.33
CA ASP A 435 -28.63 -6.14 -20.35
C ASP A 435 -27.66 -5.44 -19.42
N PRO A 436 -27.93 -5.36 -18.12
CA PRO A 436 -26.97 -4.71 -17.20
C PRO A 436 -25.62 -5.40 -17.16
N TRP A 437 -25.56 -6.68 -17.49
CA TRP A 437 -24.29 -7.39 -17.55
C TRP A 437 -23.33 -6.71 -18.51
N PHE A 438 -23.79 -6.44 -19.74
CA PHE A 438 -22.92 -5.84 -20.74
C PHE A 438 -22.74 -4.35 -20.51
N ARG A 439 -23.69 -3.68 -19.86
CA ARG A 439 -23.45 -2.29 -19.46
C ARG A 439 -22.31 -2.20 -18.44
N VAL A 440 -22.31 -3.10 -17.45
CA VAL A 440 -21.21 -3.14 -16.50
C VAL A 440 -19.90 -3.53 -17.20
N LEU A 441 -19.98 -4.43 -18.18
CA LEU A 441 -18.79 -4.78 -18.96
C LEU A 441 -18.23 -3.56 -19.68
N GLY A 442 -19.10 -2.75 -20.29
CA GLY A 442 -18.65 -1.56 -20.97
C GLY A 442 -18.07 -0.52 -20.02
N LEU A 443 -18.68 -0.36 -18.85
CA LEU A 443 -18.12 0.57 -17.86
C LEU A 443 -16.76 0.10 -17.36
N GLN A 444 -16.60 -1.21 -17.19
CA GLN A 444 -15.29 -1.76 -16.82
C GLN A 444 -14.27 -1.51 -17.92
N ALA A 445 -14.67 -1.65 -19.19
CA ALA A 445 -13.76 -1.36 -20.29
C ALA A 445 -13.39 0.12 -20.32
N GLN A 446 -14.34 1.00 -20.05
CA GLN A 446 -14.04 2.44 -19.95
C GLN A 446 -13.01 2.70 -18.86
N ALA A 447 -13.20 2.07 -17.70
CA ALA A 447 -12.27 2.26 -16.60
C ALA A 447 -10.88 1.75 -16.96
N MET A 448 -10.80 0.60 -17.64
CA MET A 448 -9.50 0.07 -18.02
C MET A 448 -8.81 0.95 -19.05
N LEU A 449 -9.59 1.50 -19.99
CA LEU A 449 -9.03 2.43 -20.96
C LEU A 449 -8.50 3.69 -20.28
N GLU A 450 -9.23 4.18 -19.27
CA GLU A 450 -8.73 5.32 -18.51
C GLU A 450 -7.45 4.97 -17.77
N ARG A 451 -7.38 3.76 -17.20
CA ARG A 451 -6.20 3.35 -16.45
C ARG A 451 -4.98 3.23 -17.35
N GLN A 452 -5.16 2.73 -18.58
CA GLN A 452 -4.03 2.52 -19.47
C GLN A 452 -3.32 3.83 -19.83
N GLN A 453 -3.99 4.96 -19.70
CA GLN A 453 -3.37 6.27 -19.88
C GLN A 453 -2.99 6.93 -18.57
N GLU A 454 -3.01 6.17 -17.47
CA GLU A 454 -2.70 6.67 -16.13
C GLU A 454 -3.69 7.72 -15.66
N HIS A 455 -4.93 7.64 -16.16
CA HIS A 455 -6.02 8.50 -15.68
C HIS A 455 -6.83 7.77 -14.62
N TYR A 456 -6.16 7.37 -13.55
CA TYR A 456 -6.79 6.55 -12.52
C TYR A 456 -7.90 7.30 -11.81
N LYS A 457 -7.72 8.60 -11.57
CA LYS A 457 -8.76 9.39 -10.93
C LYS A 457 -10.01 9.46 -11.81
N GLU A 458 -9.82 9.59 -13.11
CA GLU A 458 -10.95 9.62 -14.04
C GLU A 458 -11.55 8.25 -14.28
N ALA A 459 -10.86 7.18 -13.90
CA ALA A 459 -11.38 5.82 -14.04
C ALA A 459 -12.34 5.45 -12.94
N LEU A 460 -12.52 6.31 -11.94
CA LEU A 460 -13.37 5.97 -10.80
C LEU A 460 -14.85 6.08 -11.13
N ALA A 461 -15.27 7.09 -11.90
CA ALA A 461 -16.70 7.29 -12.14
C ALA A 461 -17.37 6.11 -12.83
N PRO A 462 -16.85 5.58 -13.95
CA PRO A 462 -17.47 4.37 -14.52
C PRO A 462 -17.39 3.18 -13.58
N LEU A 463 -16.35 3.08 -12.76
CA LEU A 463 -16.26 1.97 -11.81
C LEU A 463 -17.38 2.03 -10.77
N GLU A 464 -17.63 3.21 -10.20
CA GLU A 464 -18.71 3.33 -9.23
C GLU A 464 -20.07 3.17 -9.90
N GLN A 465 -20.23 3.66 -11.13
CA GLN A 465 -21.49 3.44 -11.83
C GLN A 465 -21.75 1.96 -12.04
N ALA A 466 -20.72 1.22 -12.47
CA ALA A 466 -20.86 -0.22 -12.66
C ALA A 466 -21.08 -0.94 -11.33
N LEU A 467 -20.44 -0.46 -10.26
CA LEU A 467 -20.65 -1.06 -8.95
C LEU A 467 -22.11 -0.94 -8.53
N ASP A 468 -22.68 0.26 -8.70
CA ASP A 468 -24.09 0.45 -8.37
C ASP A 468 -25.00 -0.42 -9.23
N ILE A 469 -24.71 -0.47 -10.54
CA ILE A 469 -25.55 -1.27 -11.43
C ILE A 469 -25.52 -2.74 -11.03
N CYS A 470 -24.32 -3.27 -10.80
CA CYS A 470 -24.19 -4.69 -10.48
C CYS A 470 -24.70 -5.01 -9.09
N ARG A 471 -24.64 -4.07 -8.16
CA ARG A 471 -25.20 -4.30 -6.83
C ARG A 471 -26.72 -4.33 -6.87
N ARG A 472 -27.32 -3.42 -7.64
CA ARG A 472 -28.78 -3.44 -7.78
C ARG A 472 -29.26 -4.66 -8.54
N GLU A 473 -28.57 -5.05 -9.61
CA GLU A 473 -29.03 -6.13 -10.46
C GLU A 473 -28.63 -7.52 -9.97
N ARG A 474 -27.89 -7.59 -8.86
CA ARG A 474 -27.61 -8.86 -8.17
C ARG A 474 -26.88 -9.85 -9.07
N LEU A 475 -25.97 -9.34 -9.91
CA LEU A 475 -25.12 -10.18 -10.74
C LEU A 475 -23.70 -10.13 -10.17
N VAL A 476 -23.25 -11.27 -9.65
CA VAL A 476 -22.09 -11.30 -8.78
C VAL A 476 -20.77 -11.41 -9.54
N TYR A 477 -20.77 -12.12 -10.68
CA TYR A 477 -19.54 -12.30 -11.44
C TYR A 477 -18.94 -10.97 -11.86
N ARG A 478 -19.78 -10.05 -12.33
CA ARG A 478 -19.29 -8.72 -12.70
C ARG A 478 -18.99 -7.88 -11.48
N CYS A 479 -19.72 -8.07 -10.37
CA CYS A 479 -19.43 -7.32 -9.15
C CYS A 479 -18.03 -7.63 -8.63
N ILE A 480 -17.62 -8.90 -8.70
CA ILE A 480 -16.29 -9.25 -8.19
C ILE A 480 -15.21 -8.52 -8.98
N PHE A 481 -15.34 -8.49 -10.31
CA PHE A 481 -14.36 -7.79 -11.14
C PHE A 481 -14.40 -6.28 -10.90
N ILE A 482 -15.60 -5.72 -10.72
CA ILE A 482 -15.70 -4.29 -10.48
C ILE A 482 -15.06 -3.92 -9.15
N GLU A 483 -15.28 -4.73 -8.12
CA GLU A 483 -14.65 -4.47 -6.83
C GLU A 483 -13.14 -4.63 -6.90
N ASN A 484 -12.66 -5.62 -7.67
CA ASN A 484 -11.22 -5.78 -7.86
C ASN A 484 -10.63 -4.54 -8.54
N ASP A 485 -11.30 -4.05 -9.58
CA ASP A 485 -10.79 -2.87 -10.29
C ASP A 485 -10.84 -1.63 -9.39
N LEU A 486 -11.91 -1.47 -8.62
CA LEU A 486 -12.00 -0.33 -7.71
C LEU A 486 -10.90 -0.39 -6.65
N SER A 487 -10.65 -1.58 -6.11
CA SER A 487 -9.57 -1.75 -5.15
C SER A 487 -8.23 -1.39 -5.76
N HIS A 488 -7.97 -1.85 -6.99
CA HIS A 488 -6.71 -1.52 -7.64
C HIS A 488 -6.57 -0.02 -7.87
N VAL A 489 -7.64 0.63 -8.34
CA VAL A 489 -7.57 2.05 -8.63
C VAL A 489 -7.35 2.86 -7.36
N LYS A 490 -8.09 2.53 -6.30
CA LYS A 490 -7.94 3.28 -5.05
C LYS A 490 -6.62 2.99 -4.35
N SER A 491 -6.09 1.78 -4.52
CA SER A 491 -4.74 1.49 -4.00
C SER A 491 -3.69 2.30 -4.75
N TRP A 492 -3.84 2.42 -6.07
CA TRP A 492 -2.92 3.25 -6.84
C TRP A 492 -2.98 4.70 -6.39
N LEU A 493 -4.17 5.21 -6.11
CA LEU A 493 -4.35 6.55 -5.58
C LEU A 493 -4.03 6.65 -4.09
N PHE A 494 -3.48 5.60 -3.49
CA PHE A 494 -3.07 5.57 -2.10
C PHE A 494 -4.25 5.75 -1.14
N ARG A 495 -5.43 5.33 -1.56
CA ARG A 495 -6.59 5.24 -0.66
C ARG A 495 -6.72 3.80 -0.16
N VAL A 496 -5.78 3.43 0.72
CA VAL A 496 -5.64 2.04 1.12
C VAL A 496 -6.85 1.55 1.92
N ASN A 497 -7.50 2.43 2.67
CA ASN A 497 -8.65 2.00 3.46
C ASN A 497 -9.81 1.60 2.56
N ALA A 498 -10.17 2.46 1.61
CA ALA A 498 -11.27 2.14 0.70
C ALA A 498 -10.90 1.01 -0.24
N ALA A 499 -9.63 0.93 -0.65
CA ALA A 499 -9.19 -0.19 -1.48
C ALA A 499 -9.33 -1.51 -0.74
N ALA A 500 -8.94 -1.53 0.55
CA ALA A 500 -9.09 -2.74 1.35
C ALA A 500 -10.55 -3.09 1.55
N GLN A 501 -11.41 -2.07 1.74
CA GLN A 501 -12.83 -2.35 1.88
C GLN A 501 -13.41 -2.97 0.61
N HIS A 502 -13.04 -2.43 -0.55
CA HIS A 502 -13.49 -3.00 -1.81
C HIS A 502 -12.99 -4.43 -2.00
N ALA A 503 -11.74 -4.67 -1.64
CA ALA A 503 -11.19 -6.01 -1.74
C ALA A 503 -11.94 -6.99 -0.83
N ARG A 504 -12.26 -6.55 0.40
CA ARG A 504 -13.02 -7.41 1.31
C ARG A 504 -14.41 -7.69 0.78
N ASP A 505 -15.07 -6.67 0.22
CA ASP A 505 -16.40 -6.88 -0.33
C ASP A 505 -16.37 -7.86 -1.50
N GLY A 506 -15.40 -7.71 -2.40
CA GLY A 506 -15.28 -8.65 -3.49
C GLY A 506 -14.96 -10.06 -3.03
N LEU A 507 -14.09 -10.19 -2.02
CA LEU A 507 -13.75 -11.50 -1.48
C LEU A 507 -14.96 -12.17 -0.84
N ALA A 508 -15.78 -11.39 -0.12
CA ALA A 508 -17.00 -11.94 0.45
C ALA A 508 -17.98 -12.36 -0.63
N LEU A 509 -18.05 -11.60 -1.73
CA LEU A 509 -18.91 -11.98 -2.84
C LEU A 509 -18.44 -13.28 -3.49
N ALA A 510 -17.14 -13.43 -3.69
CA ALA A 510 -16.59 -14.55 -4.44
C ALA A 510 -16.29 -15.77 -3.58
N ARG A 511 -16.37 -15.66 -2.25
CA ARG A 511 -15.90 -16.75 -1.40
C ARG A 511 -16.73 -18.02 -1.55
N PRO A 512 -18.07 -18.00 -1.46
CA PRO A 512 -18.80 -19.28 -1.42
C PRO A 512 -18.61 -20.17 -2.64
N ASN A 513 -18.54 -19.60 -3.84
CA ASN A 513 -18.60 -20.44 -5.03
C ASN A 513 -17.45 -20.23 -6.00
N GLN A 514 -16.99 -18.98 -6.17
CA GLN A 514 -15.98 -18.67 -7.17
C GLN A 514 -14.60 -18.93 -6.57
N TRP A 515 -13.99 -20.06 -6.93
CA TRP A 515 -12.68 -20.39 -6.40
C TRP A 515 -11.59 -19.51 -7.01
N ASP A 516 -11.64 -19.31 -8.33
CA ASP A 516 -10.62 -18.50 -8.98
C ASP A 516 -10.77 -17.03 -8.63
N LEU A 517 -12.00 -16.51 -8.62
CA LEU A 517 -12.22 -15.10 -8.34
C LEU A 517 -11.87 -14.75 -6.89
N GLU A 518 -12.06 -15.69 -5.96
CA GLU A 518 -11.68 -15.38 -4.59
C GLU A 518 -10.17 -15.38 -4.40
N GLY A 519 -9.45 -16.19 -5.19
CA GLY A 519 -8.00 -16.05 -5.24
C GLY A 519 -7.58 -14.71 -5.83
N VAL A 520 -8.30 -14.25 -6.86
CA VAL A 520 -8.05 -12.94 -7.43
C VAL A 520 -8.26 -11.85 -6.38
N MET A 521 -9.32 -11.99 -5.56
CA MET A 521 -9.59 -10.99 -4.54
C MET A 521 -8.58 -11.05 -3.40
N LEU A 522 -8.05 -12.24 -3.09
CA LEU A 522 -6.95 -12.33 -2.14
C LEU A 522 -5.70 -11.64 -2.69
N GLN A 523 -5.47 -11.77 -4.00
CA GLN A 523 -4.39 -11.00 -4.64
C GLN A 523 -4.64 -9.50 -4.51
N ALA A 524 -5.90 -9.08 -4.66
CA ALA A 524 -6.23 -7.67 -4.48
C ALA A 524 -5.94 -7.20 -3.05
N LEU A 525 -6.30 -8.01 -2.05
CA LEU A 525 -5.99 -7.67 -0.67
C LEU A 525 -4.48 -7.61 -0.45
N GLY A 526 -3.75 -8.54 -1.03
CA GLY A 526 -2.29 -8.50 -0.93
C GLY A 526 -1.69 -7.27 -1.58
N ASN A 527 -2.27 -6.84 -2.71
CA ASN A 527 -1.81 -5.60 -3.35
C ASN A 527 -2.08 -4.39 -2.47
N VAL A 528 -3.26 -4.36 -1.83
CA VAL A 528 -3.56 -3.26 -0.92
C VAL A 528 -2.58 -3.24 0.24
N ALA A 529 -2.25 -4.42 0.78
CA ALA A 529 -1.28 -4.50 1.87
C ALA A 529 0.10 -4.07 1.41
N ARG A 530 0.48 -4.44 0.18
CA ARG A 530 1.78 -4.06 -0.35
C ARG A 530 1.88 -2.55 -0.54
N GLN A 531 0.79 -1.91 -0.96
CA GLN A 531 0.78 -0.46 -1.08
C GLN A 531 1.00 0.21 0.27
N ALA A 532 0.37 -0.32 1.31
CA ALA A 532 0.53 0.20 2.66
C ALA A 532 1.79 -0.30 3.35
N ALA A 533 2.71 -0.93 2.61
CA ALA A 533 3.96 -1.44 3.15
C ALA A 533 3.72 -2.42 4.30
N ASP A 534 2.71 -3.26 4.15
CA ASP A 534 2.37 -4.29 5.14
C ASP A 534 2.93 -5.61 4.64
N VAL A 535 4.17 -5.92 5.06
CA VAL A 535 4.86 -7.08 4.53
C VAL A 535 4.23 -8.37 5.03
N THR A 536 3.90 -8.44 6.33
CA THR A 536 3.43 -9.71 6.89
C THR A 536 2.08 -10.12 6.32
N LEU A 537 1.09 -9.20 6.36
CA LEU A 537 -0.22 -9.55 5.83
C LEU A 537 -0.21 -9.67 4.32
N GLY A 538 0.59 -8.85 3.63
CA GLY A 538 0.73 -9.00 2.20
C GLY A 538 1.28 -10.37 1.83
N ARG A 539 2.30 -10.81 2.55
CA ARG A 539 2.85 -12.14 2.32
C ARG A 539 1.82 -13.22 2.62
N ALA A 540 1.05 -13.05 3.70
CA ALA A 540 0.03 -14.05 4.04
C ALA A 540 -1.02 -14.17 2.94
N TYR A 541 -1.56 -13.04 2.49
CA TYR A 541 -2.58 -13.06 1.45
C TYR A 541 -2.02 -13.61 0.14
N TYR A 542 -0.81 -13.20 -0.23
CA TYR A 542 -0.24 -13.67 -1.48
C TYR A 542 0.13 -15.15 -1.42
N GLY A 543 0.59 -15.64 -0.29
CA GLY A 543 0.83 -17.07 -0.15
C GLY A 543 -0.44 -17.88 -0.21
N GLU A 544 -1.52 -17.38 0.40
CA GLU A 544 -2.80 -18.07 0.29
C GLU A 544 -3.29 -18.08 -1.15
N ALA A 545 -3.16 -16.96 -1.85
CA ALA A 545 -3.55 -16.91 -3.26
C ALA A 545 -2.70 -17.84 -4.11
N LEU A 546 -1.40 -17.91 -3.81
CA LEU A 546 -0.52 -18.83 -4.53
C LEU A 546 -0.93 -20.28 -4.30
N LEU A 547 -1.30 -20.62 -3.06
CA LEU A 547 -1.78 -21.95 -2.78
C LEU A 547 -3.08 -22.24 -3.53
N MET A 548 -3.95 -21.24 -3.65
CA MET A 548 -5.22 -21.43 -4.36
C MET A 548 -5.03 -21.47 -5.86
N ALA A 549 -4.02 -20.78 -6.39
CA ALA A 549 -3.80 -20.69 -7.83
C ALA A 549 -2.82 -21.74 -8.34
N GLU A 550 -2.77 -22.91 -7.71
CA GLU A 550 -1.90 -23.96 -8.17
C GLU A 550 -2.32 -24.45 -9.55
N GLY A 551 -1.34 -24.66 -10.42
CA GLY A 551 -1.58 -25.02 -11.81
C GLY A 551 -1.62 -23.82 -12.72
N ASP A 552 -2.24 -22.73 -12.27
CA ASP A 552 -2.25 -21.49 -13.04
C ASP A 552 -0.85 -20.92 -13.14
N LYS A 553 -0.48 -20.47 -14.33
CA LYS A 553 0.82 -19.87 -14.57
C LYS A 553 0.78 -18.34 -14.63
N TRP A 554 -0.34 -17.77 -15.08
CA TRP A 554 -0.43 -16.32 -15.16
C TRP A 554 -0.51 -15.69 -13.77
N SER A 555 -1.38 -16.23 -12.91
CA SER A 555 -1.51 -15.70 -11.56
C SER A 555 -0.27 -16.00 -10.73
N THR A 556 0.38 -17.13 -10.99
CA THR A 556 1.59 -17.49 -10.25
C THR A 556 2.69 -16.46 -10.45
N ARG A 557 2.90 -16.03 -11.70
CA ARG A 557 3.94 -15.05 -11.98
C ARG A 557 3.64 -13.71 -11.32
N ASN A 558 2.39 -13.26 -11.37
CA ASN A 558 2.03 -11.99 -10.72
C ASN A 558 2.19 -12.07 -9.22
N ILE A 559 1.76 -13.19 -8.62
CA ILE A 559 1.92 -13.37 -7.17
C ILE A 559 3.39 -13.34 -6.79
N HIS A 560 4.24 -14.02 -7.56
CA HIS A 560 5.65 -14.05 -7.23
C HIS A 560 6.32 -12.71 -7.47
N GLN A 561 5.88 -11.94 -8.46
CA GLN A 561 6.41 -10.59 -8.65
C GLN A 561 6.05 -9.71 -7.45
N ASN A 562 4.81 -9.81 -6.98
CA ASN A 562 4.41 -9.02 -5.82
C ASN A 562 5.15 -9.47 -4.56
N LEU A 563 5.39 -10.77 -4.43
CA LEU A 563 6.17 -11.28 -3.31
C LEU A 563 7.61 -10.78 -3.36
N ALA A 564 8.19 -10.70 -4.56
CA ALA A 564 9.53 -10.12 -4.70
C ALA A 564 9.53 -8.65 -4.31
N HIS A 565 8.48 -7.91 -4.67
CA HIS A 565 8.39 -6.52 -4.25
C HIS A 565 8.29 -6.40 -2.74
N LEU A 566 7.49 -7.25 -2.11
CA LEU A 566 7.37 -7.24 -0.66
C LEU A 566 8.69 -7.58 0.01
N ALA A 567 9.44 -8.52 -0.56
CA ALA A 567 10.76 -8.84 -0.03
C ALA A 567 11.73 -7.68 -0.20
N ILE A 568 11.62 -6.98 -1.33
CA ILE A 568 12.47 -5.81 -1.56
C ILE A 568 12.19 -4.73 -0.51
N TRP A 569 10.90 -4.55 -0.16
CA TRP A 569 10.59 -3.59 0.89
C TRP A 569 11.19 -4.00 2.22
N ALA A 570 11.17 -5.30 2.52
CA ALA A 570 11.70 -5.81 3.79
C ALA A 570 13.21 -6.00 3.75
N LEU A 571 13.86 -5.68 2.64
CA LEU A 571 15.31 -5.78 2.48
C LEU A 571 15.79 -7.23 2.58
N GLU A 572 14.94 -8.16 2.21
CA GLU A 572 15.33 -9.56 2.09
C GLU A 572 15.58 -9.87 0.61
N LEU A 573 16.74 -9.40 0.13
CA LEU A 573 17.02 -9.45 -1.30
C LEU A 573 17.23 -10.88 -1.79
N ASP A 574 17.67 -11.79 -0.92
CA ASP A 574 17.78 -13.18 -1.33
C ASP A 574 16.40 -13.79 -1.59
N GLU A 575 15.43 -13.47 -0.73
CA GLU A 575 14.07 -13.98 -0.96
C GLU A 575 13.44 -13.32 -2.17
N ALA A 576 13.75 -12.05 -2.43
CA ALA A 576 13.29 -11.40 -3.65
C ALA A 576 13.89 -12.05 -4.89
N ARG A 577 15.17 -12.40 -4.84
CA ARG A 577 15.82 -13.13 -5.93
C ARG A 577 15.13 -14.46 -6.16
N ALA A 578 14.86 -15.19 -5.07
CA ALA A 578 14.20 -16.50 -5.20
C ALA A 578 12.82 -16.37 -5.81
N SER A 579 12.04 -15.38 -5.36
CA SER A 579 10.69 -15.21 -5.88
C SER A 579 10.70 -14.73 -7.33
N LEU A 580 11.68 -13.91 -7.71
CA LEU A 580 11.81 -13.53 -9.12
C LEU A 580 12.16 -14.74 -9.99
N ASP A 581 13.05 -15.60 -9.50
CA ASP A 581 13.36 -16.84 -10.22
C ASP A 581 12.11 -17.70 -10.35
N ARG A 582 11.31 -17.80 -9.30
CA ARG A 582 10.07 -18.56 -9.35
C ARG A 582 9.11 -17.97 -10.38
N ALA A 583 9.02 -16.63 -10.42
CA ALA A 583 8.14 -15.99 -11.40
C ALA A 583 8.58 -16.26 -12.83
N MET A 584 9.90 -16.20 -13.09
CA MET A 584 10.38 -16.46 -14.43
C MET A 584 10.37 -17.95 -14.78
N ASP A 585 10.35 -18.83 -13.78
CA ASP A 585 10.30 -20.26 -14.05
C ASP A 585 8.95 -20.74 -14.55
N THR A 586 7.91 -19.89 -14.49
CA THR A 586 6.61 -20.27 -15.01
C THR A 586 6.58 -20.34 -16.52
N GLY A 587 7.62 -19.88 -17.20
CA GLY A 587 7.65 -19.83 -18.64
C GLY A 587 7.09 -18.55 -19.23
N LEU A 588 6.50 -17.69 -18.41
CA LEU A 588 6.00 -16.42 -18.91
C LEU A 588 6.98 -15.30 -18.59
N PRO A 589 7.13 -14.33 -19.49
CA PRO A 589 8.02 -13.21 -19.24
C PRO A 589 7.48 -12.29 -18.16
N LEU A 590 8.39 -11.59 -17.50
CA LEU A 590 8.00 -10.63 -16.47
C LEU A 590 7.32 -9.42 -17.11
N THR A 591 6.66 -8.65 -16.27
CA THR A 591 6.07 -7.37 -16.65
C THR A 591 6.86 -6.23 -16.02
N GLN A 592 6.40 -5.00 -16.22
CA GLN A 592 7.13 -3.86 -15.66
C GLN A 592 7.18 -3.91 -14.14
N HIS A 593 6.20 -4.55 -13.50
CA HIS A 593 6.29 -4.81 -12.07
C HIS A 593 7.48 -5.72 -11.76
N GLY A 594 7.57 -6.83 -12.50
CA GLY A 594 8.71 -7.71 -12.35
C GLY A 594 10.02 -7.07 -12.76
N VAL A 595 9.97 -6.18 -13.77
CA VAL A 595 11.20 -5.49 -14.19
C VAL A 595 11.67 -4.53 -13.10
N ALA A 596 10.74 -3.84 -12.44
CA ALA A 596 11.13 -2.98 -11.32
C ALA A 596 11.73 -3.80 -10.20
N ALA A 597 11.10 -4.93 -9.86
CA ALA A 597 11.69 -5.80 -8.85
C ALA A 597 13.07 -6.28 -9.25
N LEU A 598 13.25 -6.63 -10.53
CA LEU A 598 14.52 -7.16 -10.99
C LEU A 598 15.62 -6.10 -10.95
N VAL A 599 15.33 -4.89 -11.45
CA VAL A 599 16.33 -3.84 -11.43
C VAL A 599 16.68 -3.45 -10.00
N ASP A 600 15.74 -3.65 -9.06
CA ASP A 600 16.09 -3.50 -7.66
C ASP A 600 16.96 -4.65 -7.17
N VAL A 601 16.78 -5.85 -7.72
CA VAL A 601 17.47 -7.03 -7.21
C VAL A 601 18.74 -7.32 -8.01
N ALA A 602 18.74 -7.08 -9.31
CA ALA A 602 19.87 -7.46 -10.16
C ALA A 602 21.14 -6.68 -9.85
N ARG A 603 21.05 -5.61 -9.06
CA ARG A 603 22.23 -4.83 -8.72
C ARG A 603 23.22 -5.64 -7.91
N THR A 604 22.73 -6.40 -6.93
CA THR A 604 23.59 -7.16 -6.03
C THR A 604 23.53 -8.67 -6.22
N ARG A 605 22.51 -9.18 -6.90
CA ARG A 605 22.31 -10.61 -7.11
C ARG A 605 22.00 -10.88 -8.57
N ARG A 606 22.83 -10.34 -9.46
CA ARG A 606 22.58 -10.45 -10.88
C ARG A 606 22.62 -11.90 -11.35
N SER A 607 21.76 -12.23 -12.31
CA SER A 607 21.65 -13.53 -12.93
C SER A 607 21.96 -13.41 -14.43
N PRO A 608 22.49 -14.46 -15.05
CA PRO A 608 22.86 -14.36 -16.48
C PRO A 608 21.71 -13.99 -17.40
N ARG A 609 20.48 -14.30 -17.03
CA ARG A 609 19.32 -14.03 -17.88
C ARG A 609 18.58 -12.76 -17.47
N ASP A 610 19.13 -11.98 -16.53
CA ASP A 610 18.40 -10.81 -16.04
C ASP A 610 18.25 -9.73 -17.11
N ALA A 611 19.36 -9.36 -17.75
CA ALA A 611 19.32 -8.28 -18.74
C ALA A 611 18.50 -8.69 -19.95
N LEU A 612 18.65 -9.93 -20.41
CA LEU A 612 17.91 -10.41 -21.56
C LEU A 612 16.41 -10.45 -21.27
N MET A 613 16.05 -10.91 -20.06
CA MET A 613 14.65 -10.94 -19.66
C MET A 613 14.07 -9.53 -19.55
N VAL A 614 14.86 -8.59 -19.04
CA VAL A 614 14.39 -7.21 -18.95
C VAL A 614 14.17 -6.64 -20.35
N GLU A 615 15.06 -6.96 -21.29
CA GLU A 615 14.89 -6.49 -22.66
C GLU A 615 13.61 -7.04 -23.27
N GLN A 616 13.35 -8.34 -23.08
CA GLN A 616 12.10 -8.91 -23.58
C GLN A 616 10.87 -8.27 -22.92
N ALA A 617 10.92 -8.07 -21.60
CA ALA A 617 9.75 -7.56 -20.90
C ALA A 617 9.45 -6.12 -21.27
N LEU A 618 10.49 -5.29 -21.43
CA LEU A 618 10.29 -3.90 -21.82
C LEU A 618 10.05 -3.75 -23.31
N ALA A 619 10.37 -4.77 -24.11
CA ALA A 619 10.07 -4.71 -25.54
C ALA A 619 8.57 -4.74 -25.79
N ARG A 620 7.84 -5.58 -25.05
CA ARG A 620 6.40 -5.72 -25.24
C ARG A 620 5.58 -4.77 -24.38
N GLU A 621 6.20 -4.05 -23.45
CA GLU A 621 5.51 -3.04 -22.63
C GLU A 621 6.31 -1.75 -22.66
N PRO A 622 6.35 -1.06 -23.80
CA PRO A 622 7.13 0.18 -23.87
C PRO A 622 6.45 1.35 -23.17
N GLY A 623 5.14 1.31 -22.96
CA GLY A 623 4.44 2.38 -22.31
C GLY A 623 3.48 3.13 -23.22
N ASN A 624 2.22 3.25 -22.79
CA ASN A 624 1.23 3.97 -23.59
C ASN A 624 1.51 5.46 -23.62
N THR A 625 1.73 6.06 -22.46
CA THR A 625 1.95 7.49 -22.33
C THR A 625 3.44 7.81 -22.41
N PRO A 626 3.79 9.06 -22.71
CA PRO A 626 5.22 9.44 -22.68
C PRO A 626 5.85 9.24 -21.32
N GLY A 627 5.10 9.43 -20.24
CA GLY A 627 5.64 9.17 -18.91
C GLY A 627 6.00 7.71 -18.71
N GLN A 628 5.16 6.80 -19.20
CA GLN A 628 5.47 5.38 -19.08
C GLN A 628 6.66 5.00 -19.95
N ARG A 629 6.82 5.65 -21.10
CA ARG A 629 8.00 5.42 -21.93
C ARG A 629 9.26 5.90 -21.23
N ALA A 630 9.18 7.05 -20.55
CA ALA A 630 10.30 7.53 -19.76
C ALA A 630 10.61 6.57 -18.62
N TYR A 631 9.59 6.01 -17.99
CA TYR A 631 9.81 5.04 -16.91
C TYR A 631 10.49 3.78 -17.43
N ALA A 632 10.08 3.31 -18.61
CA ALA A 632 10.74 2.14 -19.20
C ALA A 632 12.19 2.45 -19.55
N LYS A 633 12.46 3.65 -20.05
CA LYS A 633 13.83 4.07 -20.30
C LYS A 633 14.64 4.06 -19.01
N PHE A 634 14.04 4.57 -17.93
CA PHE A 634 14.68 4.51 -16.62
C PHE A 634 15.00 3.08 -16.22
N LEU A 635 14.04 2.16 -16.38
CA LEU A 635 14.27 0.79 -15.95
C LEU A 635 15.42 0.15 -16.72
N HIS A 636 15.44 0.37 -18.04
CA HIS A 636 16.52 -0.18 -18.86
C HIS A 636 17.87 0.39 -18.44
N GLY A 637 17.93 1.71 -18.24
CA GLY A 637 19.18 2.32 -17.79
C GLY A 637 19.60 1.84 -16.42
N ARG A 638 18.65 1.67 -15.51
CA ARG A 638 18.96 1.25 -14.15
C ARG A 638 19.55 -0.15 -14.12
N ILE A 639 18.95 -1.09 -14.85
CA ILE A 639 19.57 -2.41 -14.88
C ILE A 639 20.91 -2.35 -15.60
N LEU A 640 21.02 -1.50 -16.61
CA LEU A 640 22.23 -1.50 -17.42
C LEU A 640 23.38 -0.76 -16.76
N VAL A 641 23.08 0.23 -15.89
CA VAL A 641 24.12 1.10 -15.36
C VAL A 641 25.10 0.33 -14.48
N GLU A 642 24.65 -0.76 -13.86
CA GLU A 642 25.54 -1.54 -13.00
C GLU A 642 26.60 -2.28 -13.81
N VAL A 643 26.21 -2.85 -14.94
CA VAL A 643 27.13 -3.61 -15.78
C VAL A 643 27.93 -2.71 -16.71
N ASP A 644 27.23 -1.86 -17.48
CA ASP A 644 27.88 -0.95 -18.41
C ASP A 644 27.66 0.47 -17.94
N PRO A 645 28.66 1.13 -17.34
CA PRO A 645 28.41 2.47 -16.79
C PRO A 645 28.08 3.51 -17.84
N ALA A 646 28.78 3.51 -18.98
CA ALA A 646 28.58 4.58 -19.97
C ALA A 646 27.19 4.52 -20.58
N ARG A 647 26.78 3.34 -21.06
CA ARG A 647 25.47 3.24 -21.71
C ARG A 647 24.34 3.44 -20.72
N GLY A 648 24.46 2.87 -19.52
CA GLY A 648 23.44 3.06 -18.51
C GLY A 648 23.32 4.51 -18.08
N ARG A 649 24.47 5.20 -17.97
CA ARG A 649 24.47 6.61 -17.66
C ARG A 649 23.77 7.42 -18.75
N MET A 650 24.04 7.08 -20.01
CA MET A 650 23.37 7.75 -21.12
C MET A 650 21.85 7.52 -21.07
N LEU A 651 21.45 6.28 -20.80
CA LEU A 651 20.03 5.96 -20.76
C LEU A 651 19.33 6.69 -19.61
N LEU A 652 19.98 6.76 -18.44
CA LEU A 652 19.40 7.49 -17.31
C LEU A 652 19.31 8.98 -17.62
N ASP A 653 20.34 9.54 -18.25
CA ASP A 653 20.30 10.95 -18.61
C ASP A 653 19.16 11.24 -19.57
N GLU A 654 18.98 10.38 -20.58
CA GLU A 654 17.93 10.64 -21.55
C GLU A 654 16.54 10.34 -20.98
N ALA A 655 16.45 9.44 -20.00
CA ALA A 655 15.19 9.27 -19.28
C ALA A 655 14.85 10.52 -18.47
N ILE A 656 15.85 11.14 -17.83
CA ILE A 656 15.64 12.40 -17.14
C ILE A 656 15.17 13.47 -18.11
N ARG A 657 15.81 13.54 -19.28
CA ARG A 657 15.44 14.54 -20.29
C ARG A 657 14.02 14.30 -20.80
N GLN A 658 13.64 13.04 -21.01
CA GLN A 658 12.27 12.75 -21.44
C GLN A 658 11.26 13.10 -20.36
N ALA A 659 11.58 12.83 -19.10
CA ALA A 659 10.66 13.14 -18.01
C ALA A 659 10.52 14.64 -17.81
N GLU A 660 11.57 15.41 -18.08
CA GLU A 660 11.51 16.86 -17.89
C GLU A 660 10.62 17.56 -18.91
N ALA A 661 10.23 16.89 -19.99
CA ALA A 661 9.43 17.50 -21.04
C ALA A 661 7.93 17.31 -20.82
N LEU A 662 7.53 16.75 -19.69
CA LEU A 662 6.15 16.45 -19.38
C LEU A 662 5.70 17.21 -18.13
N PRO A 663 4.40 17.45 -17.97
CA PRO A 663 3.94 18.22 -16.81
C PRO A 663 4.22 17.50 -15.50
N LEU A 664 4.31 18.31 -14.43
CA LEU A 664 4.64 17.77 -13.12
C LEU A 664 3.55 16.87 -12.55
N ASP A 665 2.34 16.91 -13.12
CA ASP A 665 1.28 16.02 -12.66
C ASP A 665 1.40 14.62 -13.26
N ASP A 666 2.35 14.40 -14.17
CA ASP A 666 2.63 13.07 -14.70
C ASP A 666 3.32 12.24 -13.63
N VAL A 667 2.65 11.20 -13.14
CA VAL A 667 3.20 10.41 -12.06
C VAL A 667 4.38 9.58 -12.55
N SER A 668 4.24 8.94 -13.72
CA SER A 668 5.31 8.09 -14.23
C SER A 668 6.54 8.91 -14.60
N ALA A 669 6.34 10.10 -15.20
CA ALA A 669 7.47 10.95 -15.54
C ALA A 669 8.20 11.42 -14.29
N ALA A 670 7.45 11.80 -13.25
CA ALA A 670 8.07 12.23 -12.01
C ALA A 670 8.86 11.09 -11.38
N HIS A 671 8.28 9.89 -11.37
CA HIS A 671 8.99 8.73 -10.84
C HIS A 671 10.24 8.44 -11.65
N ALA A 672 10.15 8.51 -12.97
CA ALA A 672 11.32 8.25 -13.82
C ALA A 672 12.43 9.25 -13.53
N ARG A 673 12.10 10.53 -13.41
CA ARG A 673 13.12 11.53 -13.16
C ARG A 673 13.75 11.35 -11.77
N ALA A 674 12.91 11.18 -10.74
CA ALA A 674 13.44 11.03 -9.39
C ALA A 674 14.31 9.78 -9.26
N TYR A 675 13.84 8.66 -9.83
CA TYR A 675 14.58 7.42 -9.70
C TYR A 675 15.83 7.42 -10.56
N SER A 676 15.81 8.10 -11.71
CA SER A 676 17.02 8.23 -12.51
C SER A 676 18.06 9.08 -11.80
N TYR A 677 17.62 10.14 -11.11
CA TYR A 677 18.57 10.93 -10.32
C TYR A 677 19.12 10.12 -9.15
N THR A 678 18.28 9.30 -8.51
CA THR A 678 18.77 8.43 -7.45
C THR A 678 19.80 7.44 -7.97
N SER A 679 19.50 6.81 -9.11
CA SER A 679 20.43 5.85 -9.69
C SER A 679 21.74 6.51 -10.10
N LEU A 680 21.67 7.73 -10.65
CA LEU A 680 22.88 8.43 -11.04
C LEU A 680 23.69 8.88 -9.83
N ILE A 681 23.03 9.33 -8.77
CA ILE A 681 23.73 9.70 -7.55
C ILE A 681 24.47 8.51 -6.97
N PHE A 682 23.80 7.36 -6.90
CA PHE A 682 24.45 6.19 -6.34
C PHE A 682 25.48 5.57 -7.27
N ALA A 683 25.35 5.79 -8.59
CA ALA A 683 26.39 5.35 -9.51
C ALA A 683 27.63 6.24 -9.41
N ASP A 684 27.44 7.53 -9.16
CA ASP A 684 28.57 8.41 -8.91
C ASP A 684 29.24 8.08 -7.59
N ALA A 685 28.45 7.73 -6.57
CA ALA A 685 29.03 7.35 -5.29
C ALA A 685 29.71 5.98 -5.35
N ASP A 686 29.21 5.09 -6.21
CA ASP A 686 29.76 3.74 -6.29
C ASP A 686 31.20 3.76 -6.83
N THR A 687 31.49 4.65 -7.77
CA THR A 687 32.83 4.77 -8.34
C THR A 687 33.72 5.71 -7.53
N GLY A 688 33.23 6.23 -6.42
CA GLY A 688 34.02 7.12 -5.59
C GLY A 688 33.97 8.58 -5.98
N ASP A 689 33.16 8.94 -6.97
CA ASP A 689 33.01 10.33 -7.39
C ASP A 689 31.91 10.95 -6.54
N PHE A 690 32.32 11.52 -5.40
CA PHE A 690 31.36 12.16 -4.51
C PHE A 690 31.14 13.63 -4.83
N ILE A 691 31.96 14.22 -5.69
CA ILE A 691 31.68 15.56 -6.19
C ILE A 691 30.44 15.56 -7.07
N ALA A 692 30.36 14.58 -7.97
CA ALA A 692 29.20 14.47 -8.85
C ALA A 692 27.93 14.17 -8.07
N ALA A 693 28.05 13.51 -6.92
CA ALA A 693 26.89 13.24 -6.09
C ALA A 693 26.25 14.54 -5.61
N LEU A 694 27.04 15.44 -5.02
CA LEU A 694 26.50 16.73 -4.60
C LEU A 694 26.05 17.56 -5.78
N ALA A 695 26.78 17.48 -6.90
CA ALA A 695 26.36 18.21 -8.09
C ALA A 695 24.97 17.79 -8.52
N ARG A 696 24.69 16.49 -8.50
CA ARG A 696 23.36 16.01 -8.86
C ARG A 696 22.32 16.36 -7.80
N PHE A 697 22.72 16.33 -6.52
CA PHE A 697 21.82 16.78 -5.45
C PHE A 697 21.30 18.17 -5.74
N GLY A 698 22.20 19.09 -6.06
CA GLY A 698 21.77 20.44 -6.42
C GLY A 698 20.99 20.49 -7.72
N ALA A 699 21.47 19.79 -8.75
CA ALA A 699 20.89 19.89 -10.08
C ALA A 699 19.48 19.34 -10.15
N GLU A 700 19.11 18.42 -9.27
CA GLU A 700 17.73 17.91 -9.28
C GLU A 700 16.73 19.02 -8.98
N LEU A 701 17.07 19.92 -8.06
CA LEU A 701 16.15 20.97 -7.63
C LEU A 701 16.27 22.25 -8.45
N GLY A 702 17.22 22.33 -9.38
CA GLY A 702 17.32 23.45 -10.28
C GLY A 702 18.33 24.51 -9.92
N PHE A 703 19.05 24.35 -8.81
CA PHE A 703 20.07 25.32 -8.41
C PHE A 703 21.40 24.61 -8.20
N GLU A 704 22.48 25.35 -8.44
CA GLU A 704 23.81 24.80 -8.20
C GLU A 704 24.00 24.55 -6.71
N THR A 705 24.61 23.42 -6.38
CA THR A 705 24.79 23.06 -4.98
C THR A 705 25.69 24.10 -4.31
N PRO A 706 25.42 24.45 -3.05
CA PRO A 706 26.33 25.36 -2.33
C PRO A 706 27.74 24.79 -2.24
N ALA A 707 28.72 25.68 -2.33
CA ALA A 707 30.12 25.26 -2.28
C ALA A 707 30.57 24.88 -0.88
N ARG A 708 29.81 25.22 0.15
CA ARG A 708 30.21 24.90 1.51
C ARG A 708 28.98 24.87 2.41
N CYS A 709 29.09 24.13 3.51
CA CYS A 709 28.04 24.04 4.53
C CYS A 709 26.73 23.53 3.94
N VAL A 710 26.77 22.29 3.46
CA VAL A 710 25.65 21.65 2.79
C VAL A 710 25.68 20.17 3.12
N LEU A 711 24.50 19.57 3.28
CA LEU A 711 24.38 18.13 3.53
C LEU A 711 23.32 17.56 2.60
N GLY A 712 23.64 16.43 1.97
CA GLY A 712 22.71 15.74 1.09
C GLY A 712 22.51 14.31 1.53
N LEU A 713 21.26 13.84 1.46
CA LEU A 713 20.89 12.53 1.95
C LEU A 713 20.07 11.77 0.92
N THR A 714 20.35 10.48 0.77
CA THR A 714 19.56 9.59 -0.06
C THR A 714 19.63 8.19 0.51
N ALA A 715 18.58 7.40 0.22
CA ALA A 715 18.54 6.00 0.62
C ALA A 715 17.52 5.30 -0.27
N ASP A 716 17.98 4.41 -1.15
CA ASP A 716 17.03 3.83 -2.10
C ASP A 716 16.46 2.49 -1.65
N THR A 717 17.28 1.44 -1.65
CA THR A 717 16.79 0.16 -1.15
C THR A 717 17.70 -0.39 -0.06
N GLU A 718 18.98 -0.60 -0.38
CA GLU A 718 19.96 -1.12 0.55
C GLU A 718 21.22 -0.28 0.53
N ARG A 719 21.15 0.90 -0.08
CA ARG A 719 22.27 1.82 -0.20
C ARG A 719 21.85 3.16 0.40
N SER A 720 22.77 3.78 1.13
CA SER A 720 22.54 5.08 1.73
C SER A 720 23.73 5.98 1.43
N LEU A 721 23.46 7.26 1.19
CA LEU A 721 24.51 8.23 0.92
C LEU A 721 24.25 9.50 1.70
N LEU A 722 25.29 9.98 2.38
CA LEU A 722 25.26 11.27 3.08
C LEU A 722 26.55 11.98 2.74
N VAL A 723 26.53 12.84 1.72
CA VAL A 723 27.70 13.59 1.30
C VAL A 723 27.50 15.04 1.73
N ALA A 724 28.55 15.64 2.30
CA ALA A 724 28.46 16.96 2.88
C ALA A 724 29.73 17.73 2.62
N ARG A 725 29.65 19.06 2.76
CA ARG A 725 30.81 19.94 2.70
C ARG A 725 30.86 20.78 3.96
N GLY A 726 32.07 20.95 4.50
CA GLY A 726 32.28 21.70 5.71
C GLY A 726 32.43 23.18 5.45
N ALA A 727 32.81 23.89 6.51
CA ALA A 727 32.96 25.34 6.43
C ALA A 727 34.05 25.75 5.44
N GLN A 728 35.12 24.96 5.37
CA GLN A 728 36.24 25.27 4.48
C GLN A 728 36.00 24.79 3.05
N GLY A 729 34.88 24.12 2.78
CA GLY A 729 34.63 23.55 1.48
C GLY A 729 35.08 22.11 1.32
N GLN A 730 35.73 21.53 2.33
CA GLN A 730 36.16 20.14 2.26
C GLN A 730 34.95 19.22 2.17
N LEU A 731 35.12 18.10 1.47
CA LEU A 731 34.02 17.18 1.19
C LEU A 731 34.11 15.97 2.12
N LEU A 732 32.96 15.58 2.67
CA LEU A 732 32.85 14.39 3.50
C LEU A 732 31.69 13.55 2.98
N SER A 733 31.85 12.22 3.03
CA SER A 733 30.84 11.32 2.51
C SER A 733 30.67 10.13 3.44
N ALA A 734 29.45 9.61 3.49
CA ALA A 734 29.11 8.42 4.28
C ALA A 734 28.29 7.50 3.38
N TYR A 735 28.97 6.63 2.65
CA TYR A 735 28.32 5.73 1.69
C TYR A 735 28.16 4.36 2.33
N VAL A 736 26.92 3.90 2.42
CA VAL A 736 26.61 2.57 2.96
C VAL A 736 26.09 1.72 1.81
N PRO A 737 26.97 1.04 1.06
CA PRO A 737 26.50 0.29 -0.11
C PRO A 737 25.53 -0.83 0.22
N LEU A 738 25.68 -1.47 1.38
CA LEU A 738 24.84 -2.60 1.78
C LEU A 738 24.22 -2.29 3.13
N ARG A 739 22.97 -1.83 3.11
CA ARG A 739 22.24 -1.55 4.33
C ARG A 739 21.61 -2.83 4.87
N SER A 740 21.12 -2.74 6.10
CA SER A 740 20.39 -3.83 6.72
C SER A 740 18.99 -3.44 7.19
N SER A 741 18.67 -2.15 7.25
CA SER A 741 17.35 -1.69 7.65
C SER A 741 17.12 -0.30 7.08
N ARG A 742 15.89 -0.04 6.66
CA ARG A 742 15.54 1.27 6.13
C ARG A 742 15.47 2.31 7.25
N PHE A 743 15.68 3.56 6.88
CA PHE A 743 15.52 4.65 7.84
C PHE A 743 14.08 4.69 8.36
N GLU A 744 13.95 4.77 9.67
CA GLU A 744 12.63 4.66 10.30
C GLU A 744 12.66 5.43 11.61
N ALA A 745 11.65 5.20 12.46
CA ALA A 745 11.50 5.83 13.77
C ALA A 745 11.23 7.33 13.65
N ALA A 746 11.13 7.83 12.41
CA ALA A 746 10.75 9.21 12.13
C ALA A 746 11.76 10.22 12.69
N SER A 747 12.86 9.74 13.24
CA SER A 747 13.90 10.59 13.79
C SER A 747 15.25 9.99 13.47
N MET A 748 16.08 10.74 12.75
CA MET A 748 17.31 10.19 12.18
C MET A 748 18.52 10.55 13.05
N GLU A 749 18.64 9.83 14.16
CA GLU A 749 19.82 9.93 15.00
C GLU A 749 20.86 8.89 14.57
N GLY A 750 22.11 9.32 14.47
CA GLY A 750 23.19 8.46 14.10
C GLY A 750 23.43 8.31 12.62
N ALA A 751 22.59 8.91 11.78
CA ALA A 751 22.83 8.86 10.34
C ALA A 751 24.11 9.61 9.97
N VAL A 752 24.33 10.77 10.55
CA VAL A 752 25.51 11.58 10.27
C VAL A 752 26.67 11.06 11.11
N PRO A 753 27.79 10.67 10.50
CA PRO A 753 28.93 10.18 11.27
C PRO A 753 29.51 11.30 12.13
N PRO A 754 30.14 10.95 13.26
CA PRO A 754 30.73 12.00 14.11
C PRO A 754 31.76 12.87 13.40
N GLU A 755 32.51 12.32 12.44
CA GLU A 755 33.43 13.16 11.69
C GLU A 755 32.68 14.22 10.87
N MET A 756 31.58 13.81 10.24
CA MET A 756 30.79 14.78 9.48
C MET A 756 30.11 15.79 10.40
N LEU A 757 29.69 15.35 11.59
CA LEU A 757 29.12 16.29 12.55
C LEU A 757 30.17 17.31 13.00
N ALA A 758 31.40 16.86 13.24
CA ALA A 758 32.47 17.78 13.60
C ALA A 758 32.76 18.75 12.46
N ALA A 759 32.72 18.27 11.22
CA ALA A 759 32.92 19.14 10.08
C ALA A 759 31.81 20.19 9.97
N LEU A 760 30.57 19.79 10.25
CA LEU A 760 29.42 20.67 10.12
C LEU A 760 29.15 21.52 11.35
N GLN A 761 29.89 21.31 12.44
CA GLN A 761 29.74 22.14 13.63
C GLN A 761 30.51 23.45 13.52
N ALA A 762 31.29 23.65 12.46
CA ALA A 762 32.00 24.89 12.21
C ALA A 762 31.23 25.80 11.26
N CYS A 763 30.03 25.42 10.86
CA CYS A 763 29.26 26.19 9.90
C CYS A 763 28.29 27.14 10.59
N THR A 764 28.12 28.32 10.00
CA THR A 764 27.13 29.27 10.49
C THR A 764 25.72 28.67 10.37
N LEU A 765 25.38 28.17 9.19
CA LEU A 765 24.13 27.44 9.01
C LEU A 765 24.33 26.44 7.87
N VAL A 766 23.64 25.31 7.97
CA VAL A 766 23.83 24.19 7.06
C VAL A 766 22.57 24.03 6.22
N ASP A 767 22.74 23.96 4.90
CA ASP A 767 21.64 23.70 3.98
C ASP A 767 21.53 22.20 3.77
N VAL A 768 20.43 21.61 4.20
CA VAL A 768 20.21 20.18 4.11
C VAL A 768 19.34 19.89 2.90
N LEU A 769 19.90 19.17 1.93
CA LEU A 769 19.16 18.75 0.74
C LEU A 769 18.82 17.27 0.89
N ALA A 770 17.70 17.01 1.58
CA ALA A 770 17.27 15.65 1.85
C ALA A 770 16.30 15.21 0.77
N ARG A 771 16.73 14.28 -0.06
CA ARG A 771 15.86 13.74 -1.09
C ARG A 771 14.82 12.82 -0.45
N PRO A 772 13.64 12.69 -1.06
CA PRO A 772 12.60 11.86 -0.46
C PRO A 772 13.04 10.40 -0.42
N PRO A 773 12.53 9.63 0.55
CA PRO A 773 11.55 9.99 1.58
C PRO A 773 12.19 10.55 2.85
N LEU A 774 13.42 11.05 2.79
CA LEU A 774 14.13 11.52 3.97
C LEU A 774 13.89 12.98 4.29
N GLN A 775 13.03 13.67 3.54
CA GLN A 775 12.77 15.08 3.77
C GLN A 775 11.72 15.27 4.85
N GLY A 776 11.92 16.27 5.69
CA GLY A 776 10.96 16.63 6.72
C GLY A 776 11.09 15.88 8.03
N ARG A 777 12.17 15.14 8.23
CA ARG A 777 12.38 14.40 9.46
C ARG A 777 13.18 15.23 10.46
N SER A 778 12.94 14.96 11.74
CA SER A 778 13.58 15.71 12.81
C SER A 778 14.75 14.91 13.40
N GLY A 779 15.57 15.60 14.18
CA GLY A 779 16.68 14.96 14.84
C GLY A 779 17.83 14.59 13.94
N LEU A 780 17.91 15.18 12.74
CA LEU A 780 19.01 14.86 11.83
C LEU A 780 20.32 15.47 12.33
N LEU A 781 20.27 16.67 12.89
CA LEU A 781 21.45 17.35 13.38
C LEU A 781 21.23 17.77 14.83
N PRO A 782 22.31 17.90 15.61
CA PRO A 782 22.16 18.25 17.03
C PRO A 782 21.59 19.65 17.21
N PRO A 783 21.00 19.93 18.37
CA PRO A 783 20.41 21.26 18.59
C PRO A 783 21.40 22.40 18.50
N GLY A 784 22.69 22.14 18.67
CA GLY A 784 23.67 23.21 18.61
C GLY A 784 24.01 23.69 17.22
N ILE A 785 23.52 23.02 16.19
CA ILE A 785 23.80 23.35 14.80
C ILE A 785 22.59 24.02 14.19
N ALA A 786 22.78 25.20 13.62
CA ALA A 786 21.73 25.88 12.88
C ALA A 786 21.66 25.32 11.47
N TRP A 787 20.48 24.91 11.05
CA TRP A 787 20.32 24.32 9.73
C TRP A 787 18.90 24.54 9.24
N ARG A 788 18.71 24.28 7.95
CA ARG A 788 17.42 24.45 7.30
C ARG A 788 17.28 23.40 6.21
N TYR A 789 16.04 23.16 5.81
CA TYR A 789 15.73 22.28 4.70
C TYR A 789 15.61 23.15 3.46
N ARG A 790 16.65 23.16 2.63
CA ARG A 790 16.65 23.97 1.43
C ARG A 790 16.03 23.20 0.28
N THR A 791 14.96 23.73 -0.30
CA THR A 791 14.24 23.07 -1.37
C THR A 791 14.06 23.94 -2.60
N ARG A 792 14.51 25.19 -2.57
CA ARG A 792 14.33 26.12 -3.68
C ARG A 792 15.63 26.85 -3.93
N ALA A 793 15.77 27.37 -5.16
CA ALA A 793 16.96 28.15 -5.49
C ALA A 793 17.05 29.40 -4.64
N ALA A 794 15.95 30.12 -4.47
CA ALA A 794 15.93 31.32 -3.65
C ALA A 794 14.51 31.55 -3.14
N ALA A 795 14.41 32.31 -2.06
CA ALA A 795 13.12 32.63 -1.47
C ALA A 795 12.41 33.73 -2.25
N PRO A 796 11.08 33.77 -2.19
CA PRO A 796 10.35 34.87 -2.81
C PRO A 796 10.79 36.20 -2.24
N PRO A 797 10.86 37.24 -3.08
CA PRO A 797 11.31 38.55 -2.59
C PRO A 797 10.36 39.10 -1.55
N PRO A 798 10.89 39.79 -0.53
CA PRO A 798 10.02 40.36 0.49
C PRO A 798 9.10 41.40 -0.10
N PRO A 799 7.91 41.57 0.46
CA PRO A 799 6.98 42.57 -0.06
C PRO A 799 7.34 43.97 0.40
N ALA A 800 6.63 44.94 -0.14
CA ALA A 800 6.82 46.35 0.17
C ALA A 800 5.58 46.88 0.87
N GLY A 801 5.78 47.54 2.01
CA GLY A 801 4.68 48.07 2.78
C GLY A 801 4.41 47.27 4.03
N PRO A 802 3.81 47.92 5.04
CA PRO A 802 3.52 47.23 6.30
C PRO A 802 2.51 46.12 6.08
N GLY A 803 2.89 44.89 6.42
CA GLY A 803 2.05 43.74 6.18
C GLY A 803 0.98 43.54 7.23
N THR A 804 0.18 42.50 7.03
CA THR A 804 -0.91 42.13 7.93
C THR A 804 -0.57 40.78 8.56
N HIS A 805 -0.20 40.80 9.84
CA HIS A 805 0.12 39.56 10.54
C HIS A 805 -1.15 38.79 10.82
N LEU A 806 -1.27 37.59 10.23
CA LEU A 806 -2.44 36.76 10.38
C LEU A 806 -2.21 35.72 11.48
N VAL A 807 -3.13 35.65 12.43
CA VAL A 807 -3.09 34.67 13.50
C VAL A 807 -4.39 33.88 13.47
N VAL A 808 -4.27 32.57 13.30
CA VAL A 808 -5.42 31.68 13.33
C VAL A 808 -5.35 30.82 14.59
N ASN A 809 -5.97 31.29 15.66
CA ASN A 809 -5.86 30.63 16.96
C ASN A 809 -7.25 30.44 17.57
N GLU A 810 -7.30 29.59 18.58
CA GLU A 810 -8.53 29.33 19.34
C GLU A 810 -9.66 28.88 18.43
N VAL A 811 -9.34 27.98 17.50
CA VAL A 811 -10.32 27.51 16.53
C VAL A 811 -11.29 26.55 17.21
N ARG A 812 -12.58 26.80 17.04
CA ARG A 812 -13.63 25.96 17.61
C ARG A 812 -13.92 24.84 16.63
N TYR A 813 -13.34 23.66 16.86
CA TYR A 813 -13.52 22.53 15.96
C TYR A 813 -14.91 21.94 16.12
N SER A 814 -15.18 20.91 15.34
CA SER A 814 -16.46 20.21 15.41
C SER A 814 -16.52 19.30 16.63
N GLU A 815 -17.72 18.85 16.96
CA GLU A 815 -17.91 18.04 18.16
C GLU A 815 -17.19 16.70 18.07
N GLU A 816 -17.21 16.07 16.88
CA GLU A 816 -16.60 14.76 16.73
C GLU A 816 -15.09 14.81 16.56
N ARG A 817 -14.50 16.00 16.37
CA ARG A 817 -13.07 16.09 16.15
C ARG A 817 -12.28 15.75 17.42
N ASN A 818 -12.72 16.27 18.56
CA ASN A 818 -12.06 16.05 19.85
C ASN A 818 -10.60 16.53 19.81
N GLU A 819 -10.45 17.84 19.60
CA GLU A 819 -9.15 18.50 19.60
C GLU A 819 -9.22 19.74 20.48
N VAL A 820 -8.11 20.02 21.16
CA VAL A 820 -8.06 21.14 22.11
C VAL A 820 -7.72 22.42 21.35
N PRO A 821 -8.51 23.48 21.50
CA PRO A 821 -8.15 24.76 20.86
C PRO A 821 -6.84 25.30 21.41
N LEU A 822 -6.13 26.04 20.57
CA LEU A 822 -4.78 26.50 20.86
C LEU A 822 -4.75 28.02 20.86
N GLN A 823 -4.21 28.61 21.91
CA GLN A 823 -4.11 30.06 22.04
C GLN A 823 -2.76 30.55 21.58
N TRP A 824 -2.72 31.81 21.14
CA TRP A 824 -1.55 32.39 20.50
C TRP A 824 -1.44 33.86 20.88
N LEU A 825 -0.31 34.23 21.49
CA LEU A 825 -0.01 35.63 21.75
C LEU A 825 1.01 36.09 20.71
N PRO A 826 0.58 36.77 19.65
CA PRO A 826 1.50 37.07 18.55
C PRO A 826 2.44 38.22 18.89
N ARG A 827 3.41 38.41 18.00
CA ARG A 827 4.37 39.53 18.07
C ARG A 827 4.28 40.25 16.73
N THR A 828 3.34 41.18 16.62
CA THR A 828 3.13 41.89 15.37
C THR A 828 4.36 42.74 15.02
N ALA A 829 4.60 42.86 13.73
CA ALA A 829 5.71 43.67 13.25
C ALA A 829 5.45 45.14 13.55
N PRO A 830 6.51 45.96 13.61
CA PRO A 830 6.32 47.40 13.86
C PRO A 830 5.39 48.03 12.84
N GLY A 831 4.28 48.56 13.33
CA GLY A 831 3.27 49.14 12.46
C GLY A 831 2.56 48.14 11.57
N ALA A 832 2.19 46.99 12.10
CA ALA A 832 1.48 45.95 11.36
C ALA A 832 0.07 45.79 11.93
N GLU A 833 -0.67 44.85 11.34
CA GLU A 833 -2.01 44.53 11.79
C GLU A 833 -2.05 43.07 12.25
N ALA A 834 -2.84 42.81 13.28
CA ALA A 834 -3.03 41.47 13.80
C ALA A 834 -4.40 40.99 13.36
N ARG A 835 -4.47 40.43 12.14
CA ARG A 835 -5.71 39.89 11.61
C ARG A 835 -5.96 38.54 12.27
N PHE A 836 -7.00 38.46 13.09
CA PHE A 836 -7.28 37.30 13.92
C PHE A 836 -8.48 36.54 13.36
N LEU A 837 -8.40 35.21 13.39
CA LEU A 837 -9.50 34.33 13.02
C LEU A 837 -9.73 33.37 14.18
N ARG A 838 -10.59 33.76 15.11
CA ARG A 838 -10.89 32.93 16.26
C ARG A 838 -12.25 32.27 16.10
N ASP A 839 -12.45 31.19 16.86
CA ASP A 839 -13.75 30.55 17.07
C ASP A 839 -14.31 30.10 15.73
N LEU A 840 -15.56 30.38 15.40
CA LEU A 840 -16.18 29.91 14.18
C LEU A 840 -15.80 30.72 12.94
N ALA A 841 -15.09 31.83 13.12
CA ALA A 841 -14.65 32.61 11.97
C ALA A 841 -13.48 31.96 11.25
N ALA A 842 -12.78 31.02 11.89
CA ALA A 842 -11.63 30.34 11.28
C ALA A 842 -12.11 29.19 10.40
N THR A 843 -12.86 29.54 9.37
CA THR A 843 -13.36 28.62 8.38
C THR A 843 -12.34 28.44 7.25
N PRO A 844 -12.35 27.29 6.57
CA PRO A 844 -11.39 27.09 5.46
C PRO A 844 -11.46 28.16 4.38
N THR A 845 -12.65 28.64 4.05
CA THR A 845 -12.78 29.68 3.05
C THR A 845 -12.16 30.99 3.52
N GLN A 846 -12.45 31.39 4.76
CA GLN A 846 -11.88 32.61 5.29
C GLN A 846 -10.38 32.50 5.47
N VAL A 847 -9.89 31.33 5.90
CA VAL A 847 -8.45 31.13 6.04
C VAL A 847 -7.76 31.21 4.70
N LEU A 848 -8.34 30.58 3.67
CA LEU A 848 -7.76 30.65 2.34
C LEU A 848 -7.76 32.08 1.82
N GLU A 849 -8.82 32.83 2.10
CA GLU A 849 -8.85 34.24 1.71
C GLU A 849 -7.76 35.04 2.42
N ALA A 850 -7.55 34.77 3.71
CA ALA A 850 -6.63 35.58 4.49
C ALA A 850 -5.17 35.26 4.18
N ILE A 851 -4.83 33.99 3.97
CA ILE A 851 -3.43 33.64 3.79
C ILE A 851 -2.87 34.14 2.48
N SER A 852 -3.71 34.53 1.53
CA SER A 852 -3.24 35.00 0.23
C SER A 852 -2.86 36.47 0.22
N THR A 853 -2.93 37.15 1.36
CA THR A 853 -2.58 38.56 1.44
C THR A 853 -1.58 38.79 2.58
N ALA A 854 -1.69 37.98 3.62
CA ALA A 854 -0.91 38.19 4.84
C ALA A 854 0.58 37.97 4.58
N THR A 855 1.41 38.78 5.24
CA THR A 855 2.86 38.64 5.18
C THR A 855 3.43 37.91 6.37
N GLU A 856 2.63 37.65 7.40
CA GLU A 856 3.08 36.92 8.59
C GLU A 856 1.93 36.03 9.02
N ILE A 857 2.09 34.72 8.94
CA ILE A 857 1.01 33.77 9.20
C ILE A 857 1.41 32.90 10.38
N ASP A 858 0.61 32.95 11.45
CA ASP A 858 0.74 32.07 12.60
C ASP A 858 -0.48 31.16 12.64
N LEU A 859 -0.28 29.88 12.42
CA LEU A 859 -1.37 28.92 12.31
C LEU A 859 -1.40 28.09 13.60
N ALA A 860 -2.19 28.54 14.56
CA ALA A 860 -2.37 27.82 15.81
C ALA A 860 -3.49 26.80 15.71
N THR A 861 -3.43 25.96 14.69
CA THR A 861 -4.35 24.86 14.48
C THR A 861 -3.56 23.56 14.48
N HIS A 862 -4.22 22.47 14.14
CA HIS A 862 -3.59 21.17 14.03
C HIS A 862 -3.50 20.77 12.56
N GLY A 863 -2.30 20.38 12.13
CA GLY A 863 -2.13 19.87 10.78
C GLY A 863 -2.05 18.36 10.79
N LYS A 864 -3.07 17.71 10.25
CA LYS A 864 -3.18 16.26 10.29
C LYS A 864 -3.27 15.70 8.87
N VAL A 865 -2.84 14.46 8.72
CA VAL A 865 -2.94 13.77 7.45
C VAL A 865 -4.25 12.98 7.42
N ASP A 866 -4.88 12.93 6.25
CA ASP A 866 -6.13 12.20 6.10
C ASP A 866 -5.82 10.71 6.14
N PRO A 867 -6.41 9.95 7.07
CA PRO A 867 -6.12 8.51 7.12
C PRO A 867 -6.50 7.77 5.84
N ASP A 868 -7.51 8.26 5.12
CA ASP A 868 -7.90 7.61 3.87
C ASP A 868 -7.03 8.03 2.71
N SER A 869 -7.03 9.32 2.38
CA SER A 869 -6.37 9.82 1.18
C SER A 869 -4.89 10.12 1.38
N ASN A 870 -4.39 10.08 2.62
CA ASN A 870 -2.99 10.39 2.92
C ASN A 870 -2.62 11.79 2.46
N PHE A 871 -3.54 12.73 2.62
CA PHE A 871 -3.32 14.14 2.32
C PHE A 871 -3.35 14.94 3.61
N ALA A 872 -2.35 15.78 3.82
CA ALA A 872 -2.32 16.64 4.99
C ALA A 872 -3.29 17.80 4.82
N TYR A 873 -3.93 18.19 5.91
CA TYR A 873 -4.87 19.29 5.91
C TYR A 873 -4.69 20.13 7.16
N LEU A 874 -5.37 21.28 7.18
CA LEU A 874 -5.41 22.15 8.33
C LEU A 874 -6.78 22.02 8.97
N LEU A 875 -6.82 21.52 10.21
CA LEU A 875 -8.08 21.38 10.92
C LEU A 875 -8.59 22.76 11.34
N LEU A 876 -9.73 23.16 10.80
CA LEU A 876 -10.29 24.49 11.04
C LEU A 876 -11.74 24.36 11.48
N ALA A 877 -12.38 25.50 11.71
CA ALA A 877 -13.76 25.51 12.17
C ALA A 877 -14.71 25.16 11.03
N PRO A 878 -15.82 24.47 11.33
CA PRO A 878 -16.78 24.13 10.27
C PRO A 878 -17.37 25.37 9.62
N GLY A 879 -17.48 25.33 8.30
CA GLY A 879 -18.02 26.42 7.53
C GLY A 879 -19.49 26.25 7.23
N ALA A 880 -19.97 27.01 6.23
CA ALA A 880 -21.36 26.89 5.81
C ALA A 880 -21.64 25.51 5.25
N ASP A 881 -20.70 24.96 4.47
CA ASP A 881 -20.85 23.62 3.91
C ASP A 881 -20.66 22.53 4.96
N GLY A 882 -20.19 22.87 6.15
CA GLY A 882 -19.94 21.90 7.19
C GLY A 882 -18.55 21.29 7.17
N ARG A 883 -17.77 21.55 6.13
CA ARG A 883 -16.40 21.06 6.09
C ARG A 883 -15.53 21.80 7.09
N ASP A 884 -14.54 21.09 7.63
CA ASP A 884 -13.67 21.65 8.66
C ASP A 884 -12.22 21.31 8.35
N THR A 885 -11.85 21.31 7.07
CA THR A 885 -10.50 20.95 6.67
C THR A 885 -10.02 21.92 5.59
N LEU A 886 -8.70 22.11 5.53
CA LEU A 886 -8.04 22.88 4.48
C LEU A 886 -6.95 21.98 3.92
N PHE A 887 -7.29 21.19 2.91
CA PHE A 887 -6.34 20.23 2.35
C PHE A 887 -5.21 20.96 1.63
N GLU A 888 -4.06 20.28 1.55
CA GLU A 888 -2.86 20.93 1.03
C GLU A 888 -2.98 21.33 -0.42
N ASP A 889 -3.85 20.65 -1.19
CA ASP A 889 -4.02 21.00 -2.58
C ASP A 889 -4.59 22.41 -2.75
N SER A 890 -5.53 22.78 -1.87
CA SER A 890 -6.06 24.13 -1.90
C SER A 890 -5.00 25.17 -1.58
N ILE A 891 -4.06 24.83 -0.69
CA ILE A 891 -2.98 25.74 -0.37
C ILE A 891 -2.01 25.87 -1.55
N ARG A 892 -1.65 24.74 -2.18
CA ARG A 892 -0.75 24.79 -3.32
C ARG A 892 -1.37 25.57 -4.47
N ALA A 893 -2.65 25.37 -4.74
CA ALA A 893 -3.32 26.10 -5.80
C ALA A 893 -3.34 27.59 -5.50
N SER A 894 -3.49 27.97 -4.24
CA SER A 894 -3.52 29.36 -3.86
C SER A 894 -2.15 30.01 -4.08
N GLN A 895 -2.15 31.32 -4.21
CA GLN A 895 -0.93 32.10 -4.32
C GLN A 895 -0.83 33.05 -3.14
N LEU A 896 0.37 33.18 -2.60
CA LEU A 896 0.64 34.03 -1.45
C LEU A 896 1.42 35.23 -1.94
N THR A 897 0.73 36.36 -2.09
CA THR A 897 1.37 37.55 -2.65
C THR A 897 2.31 38.23 -1.66
N GLY A 898 2.05 38.08 -0.36
CA GLY A 898 2.85 38.73 0.65
C GLY A 898 4.14 38.05 1.02
N ALA A 899 4.44 36.91 0.41
CA ALA A 899 5.63 36.11 0.75
C ALA A 899 5.75 35.93 2.27
N PRO A 900 4.78 35.25 2.89
CA PRO A 900 4.75 35.20 4.35
C PRO A 900 5.80 34.24 4.91
N LEU A 901 6.07 34.44 6.20
CA LEU A 901 6.82 33.47 6.99
C LEU A 901 5.79 32.69 7.79
N VAL A 902 5.52 31.46 7.36
CA VAL A 902 4.44 30.68 7.97
C VAL A 902 5.00 29.96 9.19
N VAL A 903 4.38 30.20 10.34
CA VAL A 903 4.65 29.44 11.56
C VAL A 903 3.52 28.43 11.72
N LEU A 904 3.85 27.15 11.63
CA LEU A 904 2.87 26.08 11.57
C LEU A 904 3.04 25.22 12.81
N ALA A 905 2.38 25.62 13.89
CA ALA A 905 2.44 24.87 15.14
C ALA A 905 1.56 23.63 15.06
N ALA A 906 2.01 22.57 15.74
CA ALA A 906 1.29 21.29 15.81
C ALA A 906 1.06 20.72 14.42
N CYS A 907 2.15 20.40 13.74
CA CYS A 907 2.10 19.74 12.44
C CYS A 907 2.45 18.26 12.58
N GLU A 908 2.08 17.49 11.56
CA GLU A 908 2.32 16.06 11.60
C GLU A 908 2.55 15.51 10.19
N GLY A 920 2.16 15.07 0.68
CA GLY A 920 1.56 14.93 2.00
C GLY A 920 2.29 15.70 3.07
N SER A 921 2.72 16.91 2.73
CA SER A 921 3.46 17.77 3.65
C SER A 921 2.92 19.19 3.54
N LEU A 922 2.42 19.72 4.64
CA LEU A 922 1.98 21.12 4.67
C LEU A 922 3.10 22.12 4.44
N PRO A 923 4.29 21.99 5.06
CA PRO A 923 5.36 22.97 4.76
C PRO A 923 5.71 23.03 3.28
N SER A 924 5.74 21.89 2.60
CA SER A 924 6.02 21.90 1.16
C SER A 924 4.92 22.62 0.39
N ALA A 925 3.67 22.41 0.77
CA ALA A 925 2.55 23.10 0.12
C ALA A 925 2.65 24.61 0.32
N PHE A 926 2.95 25.05 1.53
CA PHE A 926 3.05 26.47 1.80
C PHE A 926 4.24 27.09 1.07
N LEU A 927 5.36 26.36 1.00
CA LEU A 927 6.51 26.85 0.27
C LEU A 927 6.21 26.98 -1.22
N ALA A 928 5.51 26.00 -1.79
CA ALA A 928 5.13 26.07 -3.19
C ALA A 928 4.14 27.18 -3.45
N ALA A 929 3.26 27.48 -2.48
CA ALA A 929 2.28 28.53 -2.66
C ALA A 929 2.93 29.91 -2.74
N GLY A 930 4.07 30.10 -2.08
CA GLY A 930 4.73 31.40 -2.13
C GLY A 930 5.33 31.86 -0.82
N ALA A 931 5.23 31.04 0.22
CA ALA A 931 5.82 31.41 1.51
C ALA A 931 7.33 31.50 1.40
N ARG A 932 7.91 32.53 2.00
CA ARG A 932 9.35 32.71 1.95
C ARG A 932 10.09 31.77 2.90
N ALA A 933 9.40 31.20 3.87
CA ALA A 933 9.96 30.24 4.81
C ALA A 933 8.83 29.64 5.63
N VAL A 934 8.92 28.35 5.90
CA VAL A 934 7.96 27.66 6.75
C VAL A 934 8.73 26.97 7.86
N LEU A 935 8.40 27.29 9.11
CA LEU A 935 8.95 26.57 10.25
C LEU A 935 7.79 25.90 10.98
N ALA A 936 7.86 24.58 11.10
CA ALA A 936 6.75 23.77 11.58
C ALA A 936 7.20 22.95 12.79
N ALA A 937 6.36 22.93 13.81
CA ALA A 937 6.59 22.10 14.99
C ALA A 937 5.87 20.77 14.78
N THR A 938 6.64 19.69 14.64
CA THR A 938 6.07 18.36 14.39
C THR A 938 5.89 17.59 15.70
N HIS A 939 5.12 18.20 16.60
CA HIS A 939 4.88 17.63 17.92
C HIS A 939 3.73 18.38 18.60
N PRO A 940 2.98 17.73 19.49
CA PRO A 940 1.91 18.44 20.21
C PRO A 940 2.43 19.66 20.95
N ILE A 941 1.62 20.72 20.95
CA ILE A 941 2.05 22.02 21.48
C ILE A 941 2.26 21.90 22.99
N PRO A 942 3.34 22.48 23.54
CA PRO A 942 3.59 22.41 24.99
C PRO A 942 2.94 23.54 25.78
N ASP A 943 1.61 23.57 25.77
CA ASP A 943 0.82 24.40 26.68
C ASP A 943 1.18 25.89 26.54
N LEU A 944 0.86 26.42 25.37
CA LEU A 944 0.89 27.84 25.00
C LEU A 944 2.29 28.45 25.02
N ASP A 945 3.32 27.68 25.35
CA ASP A 945 4.68 28.19 25.22
C ASP A 945 5.14 28.21 23.78
N SER A 946 4.39 27.57 22.87
CA SER A 946 4.69 27.68 21.44
C SER A 946 4.64 29.13 20.99
N SER A 947 3.65 29.88 21.47
CA SER A 947 3.56 31.30 21.11
C SER A 947 4.81 32.05 21.54
N ALA A 948 5.28 31.81 22.76
CA ALA A 948 6.48 32.49 23.24
C ALA A 948 7.70 32.11 22.43
N PHE A 949 7.88 30.82 22.16
CA PHE A 949 9.02 30.37 21.37
C PHE A 949 9.02 31.02 19.99
N PHE A 950 7.91 30.92 19.28
CA PHE A 950 7.88 31.41 17.91
C PHE A 950 7.89 32.93 17.86
N GLY A 951 7.34 33.61 18.86
CA GLY A 951 7.44 35.06 18.91
C GLY A 951 8.87 35.53 19.17
N ALA A 952 9.59 34.83 20.03
CA ALA A 952 10.99 35.15 20.24
C ALA A 952 11.79 34.90 18.95
N VAL A 953 11.48 33.82 18.24
CA VAL A 953 12.13 33.57 16.96
C VAL A 953 11.84 34.70 15.97
N ARG A 954 10.59 35.14 15.91
CA ARG A 954 10.23 36.22 14.99
C ARG A 954 10.94 37.52 15.35
N ASP A 955 11.04 37.83 16.65
CA ASP A 955 11.77 39.03 17.06
C ASP A 955 13.26 38.90 16.69
N ARG A 956 13.82 37.71 16.85
CA ARG A 956 15.22 37.50 16.48
C ARG A 956 15.45 37.74 15.00
N VAL A 957 14.57 37.20 14.15
CA VAL A 957 14.75 37.41 12.71
C VAL A 957 14.46 38.86 12.33
N LEU A 958 13.62 39.53 13.11
CA LEU A 958 13.39 40.96 12.88
C LEU A 958 14.62 41.78 13.25
N ALA A 959 15.40 41.32 14.22
CA ALA A 959 16.63 42.01 14.59
C ALA A 959 17.61 42.04 13.43
N GLY A 960 17.67 40.94 12.66
CA GLY A 960 18.57 40.88 11.52
C GLY A 960 19.19 39.52 11.27
N ALA A 961 19.00 38.60 12.21
CA ALA A 961 19.56 37.26 12.06
C ALA A 961 18.79 36.48 10.99
N SER A 962 19.42 35.43 10.48
CA SER A 962 18.74 34.54 9.55
C SER A 962 17.81 33.61 10.33
N LEU A 963 16.87 33.00 9.60
CA LEU A 963 15.84 32.20 10.26
C LEU A 963 16.43 31.00 10.97
N ALA A 964 17.34 30.28 10.30
CA ALA A 964 17.89 29.06 10.89
C ALA A 964 18.70 29.35 12.14
N VAL A 965 19.56 30.39 12.09
CA VAL A 965 20.35 30.72 13.26
C VAL A 965 19.47 31.26 14.39
N ALA A 966 18.38 31.95 14.05
CA ALA A 966 17.48 32.45 15.08
C ALA A 966 16.74 31.32 15.77
N VAL A 967 16.26 30.33 15.00
CA VAL A 967 15.61 29.20 15.65
C VAL A 967 16.62 28.38 16.44
N ARG A 968 17.88 28.34 16.00
CA ARG A 968 18.89 27.62 16.80
C ARG A 968 19.17 28.34 18.10
N ASP A 969 19.30 29.67 18.06
CA ASP A 969 19.52 30.43 19.29
C ASP A 969 18.35 30.26 20.24
N GLU A 970 17.13 30.29 19.71
CA GLU A 970 15.97 30.07 20.58
C GLU A 970 15.91 28.64 21.10
N ARG A 971 16.35 27.66 20.30
CA ARG A 971 16.43 26.29 20.79
C ARG A 971 17.40 26.18 21.96
N LEU A 972 18.54 26.84 21.85
CA LEU A 972 19.51 26.81 22.94
C LEU A 972 18.96 27.50 24.19
N GLN A 973 18.34 28.67 24.02
CA GLN A 973 17.76 29.37 25.15
C GLN A 973 16.54 28.64 25.73
N TRP A 974 15.93 27.74 24.96
CA TRP A 974 14.80 26.96 25.42
C TRP A 974 15.25 25.73 26.19
N LEU A 975 16.27 25.03 25.69
CA LEU A 975 16.81 23.89 26.42
C LEU A 975 17.59 24.33 27.65
N SER A 976 18.14 25.53 27.65
CA SER A 976 18.87 26.06 28.80
C SER A 976 17.95 26.61 29.87
N ALA A 977 16.66 26.78 29.57
CA ALA A 977 15.70 27.31 30.54
C ALA A 977 14.77 26.23 31.07
N GLY A 978 15.15 24.96 30.94
CA GLY A 978 14.33 23.87 31.45
C GLY A 978 13.11 23.55 30.62
N GLY A 979 13.03 24.04 29.39
CA GLY A 979 11.91 23.74 28.53
C GLY A 979 11.97 22.32 28.00
N ASP A 980 10.83 21.88 27.45
CA ASP A 980 10.73 20.53 26.92
C ASP A 980 11.65 20.37 25.72
N SER A 981 12.36 19.24 25.67
CA SER A 981 13.30 18.97 24.59
C SER A 981 12.67 18.21 23.44
N GLU A 982 11.73 17.31 23.72
CA GLU A 982 11.11 16.53 22.66
C GLU A 982 10.31 17.40 21.70
N TRP A 983 9.81 18.54 22.17
CA TRP A 983 9.05 19.42 21.29
C TRP A 983 9.96 20.35 20.50
N VAL A 984 10.88 21.03 21.17
CA VAL A 984 11.70 22.04 20.51
C VAL A 984 12.67 21.42 19.52
N ASN A 985 13.02 20.15 19.69
CA ASN A 985 13.87 19.47 18.70
C ASN A 985 13.09 19.10 17.44
N ALA A 986 11.77 19.11 17.51
CA ALA A 986 10.93 18.77 16.37
C ALA A 986 10.54 19.99 15.55
N VAL A 987 11.04 21.18 15.90
CA VAL A 987 10.79 22.37 15.10
C VAL A 987 11.77 22.38 13.94
N LEU A 988 11.26 22.29 12.73
CA LEU A 988 12.06 22.21 11.52
C LEU A 988 11.89 23.48 10.70
N VAL A 989 12.97 23.91 10.06
CA VAL A 989 12.98 25.13 9.26
C VAL A 989 13.03 24.73 7.78
N PHE A 990 12.08 25.23 7.00
CA PHE A 990 12.01 24.98 5.57
C PHE A 990 12.24 26.28 4.81
N GLU A 991 13.07 26.23 3.78
CA GLU A 991 13.28 27.38 2.92
C GLU A 991 13.50 26.94 1.47
#